data_6UZ0
#
_entry.id   6UZ0
#
_cell.length_a   1.00
_cell.length_b   1.00
_cell.length_c   1.00
_cell.angle_alpha   90.00
_cell.angle_beta   90.00
_cell.angle_gamma   90.00
#
_symmetry.space_group_name_H-M   'P 1'
#
loop_
_entity.id
_entity.type
_entity.pdbx_description
1 polymer 'Sodium channel protein type 5 subunit alpha,Green fluorescent protein'
2 branched 2-acetamido-2-deoxy-beta-D-glucopyranose-(1-4)-2-acetamido-2-deoxy-beta-D-glucopyranose
3 branched beta-D-mannopyranose-(1-4)-2-acetamido-2-deoxy-beta-D-glucopyranose-(1-4)-2-acetamido-2-deoxy-beta-D-glucopyranose
4 non-polymer 2-acetamido-2-deoxy-beta-D-glucopyranose
5 non-polymer (3beta,14beta,17beta,25R)-3-[4-methoxy-3-(methoxymethyl)butoxy]spirost-5-en
6 non-polymer '[(2~{R})-1-[2-azanylethoxy(oxidanyl)phosphoryl]oxy-3-hexadecanoyloxy-propan-2-yl] (~{Z})-octadec-9-enoate'
7 non-polymer Flecainide
#
_entity_poly.entity_id   1
_entity_poly.type   'polypeptide(L)'
_entity_poly.pdbx_seq_one_letter_code
;MANLLLPRGTSSFRRFTRESLAAIEKRMAEKQARGGSATSQESREGLQEEEAPRPQLDLQASKKLPDLYGNPPRELIGEP
LEDLDPFYSTQKTFIVLNKGKTIFRFSATNALYVLSPFHPVRRAAVKILVHSLFSMLIMCTILTNCVFMAQHDPPPWTKY
VEYTFTAIYTFESLVKILARGFCLHAFTFLRDPWNWLDFSVIVMAYTTEFVDLGNVSALRTFRVLRALKTISVISGLKTI
VGALIQSVKKLADVMVLTVFCLSVFALIGLQLFMGNLRHKCVRNFTELNGTNGSVEADGLVWNSLDVYLNDPANYLLKNG
TTDVLLCGNSSDAGTCPEGYRCLKAGENPDHGYTSFDSFAWAFLALFRLMTQDCWERLYQQTLRSAGKIYMIFFMLVIFL
GSFYLVNLILAVVAMAYEEQNQATIAETEEKEKRFQEAMEMLKKEHEALTIRGVDTVSRSSARQRALSAVSVLTSALEEL
EESHRKCPPCWNRFAQHYLIWECCPLWMSIKQKVKFVVMDPFADLTITMCIVLNTLFMALEHYNMTAEFEEMLQVGNLVF
TGIFTAEMTFKIIALDPYYYFQQGWNIFDSIIVILSLMELGLSRMGNLSVLRSFRLLRVFKLAKSWPTLNTLIKIIGNSV
GALGNLTLVLAIIVFIFAVVGMQLFGKNYSELRHRISDSGLLPRWHMMDFFHAFLIIFRILCGEWIETMWDCMEVSGQSL
CLLVFLLVMVIGNLVVLNLFLALLLSSFSADNLTAPDEDGEMNNLQLALARIQRGLRFVKRTTWDFCCGILRRRPKKPAA
LATHSQLPSCITAPRSPPPPEVEKVPPARKETRFEEDKRPGQGTPGDSEPVCVPIAVAESDTEDQEEDEENGKVWWRLRK
TCYRIVEHSWFETFIIFMILLSSGALAFEDIYLEERKTIKVLLEYADKMFTYVFVLEMLLKWVAYGFKKYFTNAWCWLDF
LIVDVSLVSLVANTLGFAEMGPIKSLRTLRALRPLRALSRFEGMRVVVNALVGAIPSIMNVLLVCLIFWLIFSIMGVNLF
AGKFGRCINQTEGDLPLNYTIVNNKSECESFNVTGELYWTKVKVNFDNVGAGYLALLQVATFKGWMDIMYAAVDSRGYEE
QPQWEDNLYMYIYFVVFIIFGSFFTLNLFIGVIIDNFNQQKKKLGGQDIFMTEEQKKYYNAMKKLGSKKPQKPIPRPLNK
YQGFIFDIVTKQAFDVTIMFLICLNMVTMMVETDDQSPEKVNILAKINLLFVAIFTGECIVKMAALRHYYFTNSWNIFDF
VVVILSIVGTVLSDIIQKYFFSPTLFRVIRLARIGRILRLIRGAKGIRTLLFALMMSLPALFNIGLLLFLVMFIYSIFGM
ANFAYVKWEAGIDDMFNFQTFANSMLCLFQITTSAGWDGLLSPILNTGPPYCDPNLPNSNGSRGNCGSPAVGILFFTTYI
IISFLIVVNMYIAIILENFSVATEESTEPLSEDDFDMFYEIWEKFDPEATQFIEYLALSDFADALSEPLRIAKPNQISLI
NMDLPMVSGDRIHCMDILFAFTKRVLGESGEMDALKIQMEEKFMAANPSKISYEPITTTLEVLFQGPGSMVSKGEELFTG
VVPILVELDGDVNGHKFSVSGEGEGDATYGKLTLKFICTTGKLPVPWPTLVTTLTYGVQCFSRYPDHMKQHDFFKSAMPE
GYVQERTIFFKDDGNYKTRAEVKFEGDTLVNRIELKGIDFKEDGNILGHKLEYNYNSHNVYIMADKQKNGIKVNFKIRHN
IEDGSVQLADHYQQNTPIGDGPVLLPDNHYLSTQSALSKDPNEKRDHMVLLEFVTAAGITLGMDELYKGSDYKDDDDK
;
_entity_poly.pdbx_strand_id   A
#
# COMPACT_ATOMS: atom_id res chain seq x y z
N HIS A 119 -34.30 -26.98 43.75
CA HIS A 119 -34.45 -25.87 44.68
C HIS A 119 -35.04 -24.66 43.98
N PRO A 120 -35.74 -23.84 44.74
CA PRO A 120 -36.37 -22.64 44.20
C PRO A 120 -35.37 -21.61 43.68
N VAL A 121 -34.30 -21.38 44.44
CA VAL A 121 -33.32 -20.40 44.00
C VAL A 121 -32.70 -20.87 42.71
N ARG A 122 -32.34 -22.15 42.66
CA ARG A 122 -31.72 -22.66 41.45
C ARG A 122 -32.67 -22.57 40.28
N ARG A 123 -33.94 -22.87 40.49
CA ARG A 123 -34.88 -22.79 39.37
C ARG A 123 -34.96 -21.38 38.85
N ALA A 124 -35.04 -20.43 39.76
CA ALA A 124 -35.15 -19.04 39.35
C ALA A 124 -33.92 -18.62 38.58
N ALA A 125 -32.76 -19.02 39.10
CA ALA A 125 -31.52 -18.66 38.47
C ALA A 125 -31.45 -19.24 37.07
N VAL A 126 -31.83 -20.49 36.90
CA VAL A 126 -31.75 -21.06 35.56
C VAL A 126 -32.69 -20.36 34.63
N LYS A 127 -33.89 -20.03 35.09
CA LYS A 127 -34.82 -19.35 34.20
C LYS A 127 -34.23 -18.02 33.77
N ILE A 128 -33.66 -17.27 34.71
CA ILE A 128 -33.08 -15.98 34.33
C ILE A 128 -31.91 -16.17 33.36
N LEU A 129 -31.11 -17.20 33.59
CA LEU A 129 -29.96 -17.48 32.76
C LEU A 129 -30.39 -17.76 31.34
N VAL A 130 -31.46 -18.53 31.18
CA VAL A 130 -31.89 -18.85 29.83
C VAL A 130 -32.80 -17.82 29.19
N HIS A 131 -33.27 -16.85 29.95
CA HIS A 131 -34.16 -15.86 29.38
C HIS A 131 -33.52 -15.03 28.27
N SER A 132 -34.33 -14.66 27.29
CA SER A 132 -33.88 -13.86 26.16
C SER A 132 -33.88 -12.37 26.47
N LEU A 133 -34.50 -11.98 27.58
CA LEU A 133 -34.55 -10.55 27.91
C LEU A 133 -33.29 -10.12 28.63
N PHE A 134 -32.73 -10.99 29.48
CA PHE A 134 -31.61 -10.53 30.27
C PHE A 134 -30.34 -10.42 29.45
N SER A 135 -30.25 -11.14 28.32
CA SER A 135 -29.18 -10.89 27.38
C SER A 135 -29.26 -9.47 26.83
N MET A 136 -30.47 -9.01 26.51
CA MET A 136 -30.64 -7.62 26.10
C MET A 136 -30.29 -6.66 27.23
N LEU A 137 -30.65 -7.02 28.47
CA LEU A 137 -30.21 -6.25 29.62
C LEU A 137 -28.70 -6.08 29.62
N ILE A 138 -27.97 -7.20 29.65
CA ILE A 138 -26.51 -7.17 29.64
C ILE A 138 -25.99 -6.33 28.49
N MET A 139 -26.57 -6.52 27.30
CA MET A 139 -26.06 -5.81 26.12
C MET A 139 -26.20 -4.31 26.29
N CYS A 140 -27.37 -3.85 26.75
CA CYS A 140 -27.55 -2.42 26.94
C CYS A 140 -26.65 -1.87 28.03
N THR A 141 -26.43 -2.66 29.09
CA THR A 141 -25.50 -2.23 30.14
C THR A 141 -24.08 -2.09 29.60
N ILE A 142 -23.65 -3.04 28.78
CA ILE A 142 -22.31 -2.97 28.23
C ILE A 142 -22.17 -1.78 27.29
N LEU A 143 -23.20 -1.55 26.46
CA LEU A 143 -23.15 -0.41 25.55
C LEU A 143 -23.05 0.91 26.32
N THR A 144 -23.86 1.07 27.37
CA THR A 144 -23.78 2.28 28.15
C THR A 144 -22.44 2.39 28.87
N ASN A 145 -21.90 1.26 29.33
CA ASN A 145 -20.57 1.27 29.92
C ASN A 145 -19.54 1.75 28.91
N CYS A 146 -19.69 1.35 27.66
CA CYS A 146 -18.77 1.80 26.63
C CYS A 146 -18.86 3.29 26.42
N VAL A 147 -20.09 3.81 26.36
CA VAL A 147 -20.23 5.25 26.15
C VAL A 147 -19.71 6.03 27.35
N PHE A 148 -19.77 5.45 28.55
CA PHE A 148 -19.19 6.09 29.72
C PHE A 148 -17.69 5.89 29.82
N MET A 149 -17.16 4.90 29.09
CA MET A 149 -15.74 4.61 29.11
C MET A 149 -14.98 5.47 28.11
N ALA A 150 -15.63 5.80 27.00
CA ALA A 150 -14.99 6.61 25.97
C ALA A 150 -14.68 8.02 26.43
N GLN A 151 -15.10 8.41 27.62
CA GLN A 151 -14.92 9.79 28.04
C GLN A 151 -13.56 9.99 28.69
N HIS A 152 -13.01 11.18 28.50
CA HIS A 152 -11.78 11.58 29.17
C HIS A 152 -12.10 12.66 30.20
N ASP A 153 -11.55 12.50 31.40
CA ASP A 153 -11.85 13.36 32.54
C ASP A 153 -13.37 13.45 32.76
N PRO A 154 -14.00 12.36 33.20
CA PRO A 154 -15.44 12.40 33.42
C PRO A 154 -15.76 13.21 34.66
N PRO A 155 -17.00 13.67 34.83
CA PRO A 155 -17.35 14.38 36.04
C PRO A 155 -17.32 13.43 37.23
N PRO A 156 -17.19 13.97 38.46
CA PRO A 156 -17.31 13.11 39.64
C PRO A 156 -18.69 12.50 39.77
N TRP A 157 -19.64 12.90 38.93
CA TRP A 157 -20.97 12.31 38.93
C TRP A 157 -20.93 10.85 38.53
N THR A 158 -20.10 10.51 37.54
CA THR A 158 -20.12 9.18 36.95
C THR A 158 -19.65 8.08 37.91
N LYS A 159 -19.14 8.46 39.08
CA LYS A 159 -18.60 7.45 39.99
C LYS A 159 -19.68 6.51 40.47
N TYR A 160 -20.87 7.02 40.76
CA TYR A 160 -21.97 6.15 41.19
C TYR A 160 -22.49 5.32 40.02
N VAL A 161 -22.44 5.84 38.80
CA VAL A 161 -22.82 5.04 37.65
C VAL A 161 -21.85 3.88 37.49
N GLU A 162 -20.57 4.10 37.81
CA GLU A 162 -19.61 3.00 37.81
C GLU A 162 -20.05 1.92 38.80
N TYR A 163 -20.50 2.32 39.99
CA TYR A 163 -21.00 1.35 40.96
C TYR A 163 -22.20 0.60 40.40
N THR A 164 -23.11 1.31 39.73
CA THR A 164 -24.26 0.65 39.12
C THR A 164 -23.81 -0.41 38.13
N PHE A 165 -22.83 -0.08 37.29
CA PHE A 165 -22.35 -1.05 36.30
C PHE A 165 -21.74 -2.26 36.97
N THR A 166 -20.88 -2.04 37.97
CA THR A 166 -20.33 -3.17 38.72
C THR A 166 -21.44 -4.01 39.33
N ALA A 167 -22.48 -3.36 39.84
CA ALA A 167 -23.58 -4.09 40.47
C ALA A 167 -24.27 -4.99 39.46
N ILE A 168 -24.54 -4.47 38.26
CA ILE A 168 -25.20 -5.29 37.25
C ILE A 168 -24.31 -6.45 36.85
N TYR A 169 -23.01 -6.20 36.68
CA TYR A 169 -22.09 -7.26 36.29
C TYR A 169 -22.05 -8.37 37.35
N THR A 170 -21.90 -7.98 38.62
CA THR A 170 -21.86 -8.98 39.68
C THR A 170 -23.19 -9.69 39.85
N PHE A 171 -24.30 -9.00 39.61
CA PHE A 171 -25.60 -9.66 39.66
C PHE A 171 -25.69 -10.73 38.59
N GLU A 172 -25.19 -10.44 37.39
CA GLU A 172 -25.24 -11.45 36.34
C GLU A 172 -24.31 -12.62 36.64
N SER A 173 -23.14 -12.34 37.22
CA SER A 173 -22.26 -13.43 37.63
C SER A 173 -22.92 -14.29 38.69
N LEU A 174 -23.63 -13.67 39.64
CA LEU A 174 -24.37 -14.41 40.65
C LEU A 174 -25.43 -15.27 40.00
N VAL A 175 -26.19 -14.70 39.07
CA VAL A 175 -27.18 -15.47 38.33
C VAL A 175 -26.55 -16.71 37.72
N LYS A 176 -25.41 -16.54 37.07
CA LYS A 176 -24.74 -17.68 36.44
C LYS A 176 -24.22 -18.76 37.40
N ILE A 177 -23.60 -18.35 38.50
CA ILE A 177 -23.05 -19.34 39.43
C ILE A 177 -24.15 -20.04 40.20
N LEU A 178 -25.25 -19.33 40.49
CA LEU A 178 -26.36 -19.96 41.20
C LEU A 178 -27.24 -20.74 40.25
N ALA A 179 -27.23 -20.41 38.96
CA ALA A 179 -27.91 -21.24 37.98
C ALA A 179 -27.16 -22.54 37.76
N ARG A 180 -25.89 -22.57 38.13
CA ARG A 180 -25.25 -23.87 38.35
C ARG A 180 -25.49 -24.33 39.79
N GLY A 181 -25.06 -23.53 40.77
CA GLY A 181 -25.58 -23.66 42.12
C GLY A 181 -24.82 -24.52 43.10
N PHE A 182 -23.49 -24.57 43.01
CA PHE A 182 -22.65 -25.29 43.98
C PHE A 182 -21.16 -24.96 43.81
N CYS A 183 -20.28 -25.45 44.68
CA CYS A 183 -18.86 -25.16 44.51
C CYS A 183 -18.36 -25.76 43.17
N LEU A 184 -18.78 -26.99 42.91
CA LEU A 184 -18.43 -27.68 41.67
C LEU A 184 -19.04 -26.96 40.48
N HIS A 185 -20.27 -26.47 40.66
CA HIS A 185 -21.00 -25.71 39.64
C HIS A 185 -20.28 -24.41 39.31
N ALA A 186 -19.68 -23.78 40.32
CA ALA A 186 -18.89 -22.56 40.14
C ALA A 186 -17.70 -22.93 39.30
N PHE A 187 -17.09 -24.08 39.58
CA PHE A 187 -15.99 -24.51 38.72
C PHE A 187 -16.50 -24.73 37.28
N THR A 188 -17.69 -25.30 37.10
CA THR A 188 -18.28 -25.48 35.76
C THR A 188 -18.53 -24.16 35.04
N PHE A 189 -18.96 -23.15 35.79
CA PHE A 189 -19.20 -21.81 35.26
C PHE A 189 -17.89 -21.25 34.78
N LEU A 190 -16.84 -21.46 35.58
CA LEU A 190 -15.49 -21.04 35.25
C LEU A 190 -14.89 -21.78 34.07
N ARG A 191 -15.36 -23.00 33.80
CA ARG A 191 -14.86 -23.79 32.71
C ARG A 191 -15.03 -23.11 31.37
N ASP A 192 -16.11 -22.36 31.14
CA ASP A 192 -16.24 -21.69 29.86
C ASP A 192 -15.26 -20.53 29.80
N PRO A 193 -14.26 -20.59 28.91
CA PRO A 193 -13.18 -19.60 28.95
C PRO A 193 -13.66 -18.15 28.88
N TRP A 194 -14.77 -17.89 28.20
CA TRP A 194 -15.27 -16.53 28.16
C TRP A 194 -15.68 -16.03 29.53
N ASN A 195 -16.06 -16.92 30.43
CA ASN A 195 -16.48 -16.49 31.76
C ASN A 195 -15.30 -15.98 32.59
N TRP A 196 -14.10 -16.49 32.33
CA TRP A 196 -12.92 -16.02 33.03
C TRP A 196 -12.77 -14.51 32.89
N LEU A 197 -13.11 -13.97 31.73
CA LEU A 197 -13.06 -12.53 31.54
C LEU A 197 -13.97 -11.82 32.53
N ASP A 198 -15.18 -12.36 32.72
CA ASP A 198 -16.14 -11.73 33.63
C ASP A 198 -15.69 -11.85 35.07
N PHE A 199 -15.16 -13.00 35.46
CA PHE A 199 -14.65 -13.14 36.82
C PHE A 199 -13.50 -12.18 37.06
N SER A 200 -12.59 -12.07 36.10
CA SER A 200 -11.49 -11.12 36.24
C SER A 200 -11.99 -9.69 36.36
N VAL A 201 -13.03 -9.35 35.61
CA VAL A 201 -13.46 -7.94 35.64
C VAL A 201 -14.24 -7.64 36.92
N ILE A 202 -14.99 -8.60 37.46
CA ILE A 202 -15.66 -8.32 38.71
C ILE A 202 -14.65 -8.19 39.84
N VAL A 203 -13.66 -9.09 39.89
CA VAL A 203 -12.66 -8.96 40.94
C VAL A 203 -11.84 -7.70 40.74
N MET A 204 -11.65 -7.26 39.49
CA MET A 204 -10.87 -6.05 39.23
C MET A 204 -11.63 -4.81 39.69
N ALA A 205 -12.93 -4.75 39.40
CA ALA A 205 -13.74 -3.64 39.91
C ALA A 205 -13.77 -3.62 41.42
N TYR A 206 -13.92 -4.80 42.03
CA TYR A 206 -13.91 -4.89 43.48
C TYR A 206 -12.59 -4.40 44.08
N THR A 207 -11.45 -4.79 43.50
CA THR A 207 -10.17 -4.31 44.00
C THR A 207 -10.02 -2.81 43.79
N THR A 208 -10.34 -2.32 42.58
CA THR A 208 -10.19 -0.91 42.30
C THR A 208 -11.08 -0.03 43.17
N GLU A 209 -12.15 -0.60 43.72
CA GLU A 209 -12.89 0.14 44.74
C GLU A 209 -12.35 -0.09 46.15
N PHE A 210 -11.76 -1.27 46.40
CA PHE A 210 -11.32 -1.63 47.75
C PHE A 210 -10.00 -0.94 48.11
N VAL A 211 -8.93 -1.22 47.37
CA VAL A 211 -7.63 -0.63 47.63
C VAL A 211 -7.08 -0.06 46.33
N ASP A 212 -6.50 1.14 46.40
CA ASP A 212 -5.94 1.79 45.23
C ASP A 212 -4.54 2.32 45.53
N GLY A 214 3.49 4.09 46.02
CA GLY A 214 2.20 4.58 46.44
C GLY A 214 1.09 4.29 45.45
N ASN A 215 0.15 5.22 45.34
CA ASN A 215 -1.00 5.08 44.44
C ASN A 215 -0.59 5.43 43.02
N VAL A 216 -0.69 4.45 42.12
CA VAL A 216 -0.45 4.70 40.71
C VAL A 216 -1.74 4.78 39.89
N SER A 217 -2.78 4.04 40.29
CA SER A 217 -4.09 4.11 39.66
C SER A 217 -4.04 3.76 38.17
N ALA A 218 -3.01 3.02 37.76
CA ALA A 218 -2.87 2.67 36.35
C ALA A 218 -3.85 1.57 35.93
N LEU A 219 -4.34 0.78 36.87
CA LEU A 219 -5.21 -0.35 36.52
C LEU A 219 -6.55 0.09 35.97
N ARG A 220 -6.90 1.37 36.10
CA ARG A 220 -8.23 1.84 35.73
C ARG A 220 -8.51 1.76 34.24
N THR A 221 -7.58 1.24 33.44
CA THR A 221 -7.85 1.03 32.02
C THR A 221 -8.26 -0.42 31.75
N PHE A 222 -8.19 -1.28 32.76
CA PHE A 222 -8.57 -2.67 32.59
C PHE A 222 -10.07 -2.84 32.41
N ARG A 223 -10.84 -1.77 32.61
CA ARG A 223 -12.28 -1.87 32.43
C ARG A 223 -12.67 -2.02 30.97
N VAL A 224 -11.75 -1.77 30.05
CA VAL A 224 -12.04 -1.98 28.64
C VAL A 224 -12.27 -3.45 28.33
N LEU A 225 -11.81 -4.35 29.19
CA LEU A 225 -12.09 -5.77 29.02
C LEU A 225 -13.59 -6.05 29.00
N ARG A 226 -14.40 -5.20 29.63
CA ARG A 226 -15.84 -5.39 29.60
C ARG A 226 -16.39 -5.28 28.19
N ALA A 227 -15.85 -4.38 27.38
CA ALA A 227 -16.26 -4.28 25.99
C ALA A 227 -16.17 -5.62 25.27
N LEU A 228 -15.23 -6.47 25.66
CA LEU A 228 -15.13 -7.80 25.08
C LEU A 228 -16.32 -8.68 25.42
N LYS A 229 -17.03 -8.40 26.52
CA LYS A 229 -18.18 -9.23 26.88
C LYS A 229 -19.25 -9.20 25.81
N THR A 230 -19.28 -8.15 24.99
CA THR A 230 -20.18 -8.14 23.84
C THR A 230 -20.04 -9.42 23.04
N ILE A 231 -18.81 -9.83 22.75
CA ILE A 231 -18.58 -11.03 21.96
C ILE A 231 -19.06 -12.28 22.69
N SER A 232 -19.29 -12.19 23.99
CA SER A 232 -19.83 -13.34 24.71
C SER A 232 -21.36 -13.31 24.74
N VAL A 233 -21.96 -12.13 24.71
CA VAL A 233 -23.42 -12.06 24.80
C VAL A 233 -24.09 -12.28 23.43
N ILE A 234 -23.49 -11.78 22.34
CA ILE A 234 -24.09 -11.93 21.02
C ILE A 234 -23.94 -13.37 20.56
N SER A 235 -24.93 -13.84 19.81
CA SER A 235 -24.98 -15.25 19.44
C SER A 235 -23.92 -15.63 18.41
N GLY A 236 -23.53 -14.72 17.53
CA GLY A 236 -22.61 -15.07 16.47
C GLY A 236 -21.23 -14.46 16.59
N LEU A 237 -21.08 -13.50 17.51
CA LEU A 237 -19.79 -12.82 17.67
C LEU A 237 -18.70 -13.80 18.09
N LYS A 238 -18.95 -14.60 19.13
CA LYS A 238 -17.94 -15.55 19.57
C LYS A 238 -17.66 -16.59 18.49
N THR A 239 -18.65 -16.90 17.66
CA THR A 239 -18.38 -17.82 16.55
C THR A 239 -17.36 -17.23 15.59
N ILE A 240 -17.52 -15.95 15.24
CA ILE A 240 -16.58 -15.31 14.33
C ILE A 240 -15.20 -15.21 14.97
N VAL A 241 -15.14 -14.84 16.25
CA VAL A 241 -13.83 -14.71 16.89
C VAL A 241 -13.16 -16.07 17.02
N GLY A 242 -13.93 -17.14 17.20
CA GLY A 242 -13.34 -18.47 17.24
C GLY A 242 -12.88 -18.94 15.88
N ALA A 243 -13.57 -18.52 14.82
CA ALA A 243 -13.12 -18.83 13.47
C ALA A 243 -11.99 -17.92 13.01
N LEU A 244 -11.73 -16.84 13.74
CA LEU A 244 -10.66 -15.90 13.41
C LEU A 244 -9.36 -16.25 14.14
N ILE A 245 -9.44 -17.00 15.22
CA ILE A 245 -8.23 -17.49 15.87
C ILE A 245 -7.60 -18.60 15.03
N GLN A 246 -8.40 -19.42 14.37
CA GLN A 246 -7.85 -20.52 13.59
C GLN A 246 -7.01 -20.00 12.42
N SER A 247 -7.35 -18.83 11.89
CA SER A 247 -6.51 -18.23 10.86
C SER A 247 -5.13 -17.90 11.42
N VAL A 248 -5.07 -17.39 12.64
CA VAL A 248 -3.77 -17.10 13.24
C VAL A 248 -3.02 -18.38 13.54
N LYS A 249 -3.74 -19.47 13.78
CA LYS A 249 -3.06 -20.74 13.99
C LYS A 249 -2.53 -21.34 12.69
N LYS A 250 -3.18 -21.05 11.56
CA LYS A 250 -2.63 -21.45 10.28
C LYS A 250 -1.51 -20.53 9.81
N LEU A 251 -1.53 -19.29 10.23
CA LEU A 251 -0.53 -18.31 9.82
C LEU A 251 0.81 -18.52 10.50
N ALA A 252 1.02 -19.63 11.22
CA ALA A 252 2.24 -19.78 12.02
C ALA A 252 3.47 -19.94 11.13
N ASP A 253 3.39 -20.81 10.12
CA ASP A 253 4.54 -21.03 9.25
C ASP A 253 4.91 -19.75 8.52
N VAL A 254 3.92 -18.98 8.07
CA VAL A 254 4.21 -17.74 7.37
C VAL A 254 4.76 -16.70 8.34
N MET A 255 4.34 -16.74 9.60
CA MET A 255 4.94 -15.84 10.57
C MET A 255 6.40 -16.19 10.82
N VAL A 256 6.71 -17.49 10.87
CA VAL A 256 8.08 -17.92 11.07
C VAL A 256 8.94 -17.53 9.88
N LEU A 257 8.45 -17.79 8.66
CA LEU A 257 9.17 -17.39 7.46
C LEU A 257 9.32 -15.88 7.39
N THR A 258 8.30 -15.14 7.81
CA THR A 258 8.38 -13.69 7.78
C THR A 258 9.45 -13.18 8.71
N VAL A 259 9.51 -13.72 9.93
CA VAL A 259 10.54 -13.25 10.85
C VAL A 259 11.92 -13.75 10.42
N PHE A 260 11.98 -14.90 9.75
CA PHE A 260 13.26 -15.37 9.23
C PHE A 260 13.79 -14.46 8.13
N CYS A 261 12.94 -14.14 7.15
CA CYS A 261 13.37 -13.22 6.09
C CYS A 261 13.67 -11.84 6.64
N LEU A 262 12.86 -11.36 7.59
CA LEU A 262 13.14 -10.06 8.19
C LEU A 262 14.49 -10.09 8.90
N SER A 263 14.81 -11.21 9.54
CA SER A 263 16.10 -11.30 10.22
C SER A 263 17.26 -11.37 9.24
N VAL A 264 17.13 -12.18 8.19
CA VAL A 264 18.18 -12.30 7.19
C VAL A 264 18.45 -10.95 6.53
N PHE A 265 17.39 -10.33 6.01
CA PHE A 265 17.53 -9.02 5.41
C PHE A 265 17.98 -7.98 6.43
N ALA A 266 17.68 -8.18 7.70
CA ALA A 266 18.12 -7.24 8.72
C ALA A 266 19.61 -7.33 8.93
N LEU A 267 20.15 -8.54 8.98
CA LEU A 267 21.60 -8.70 9.05
C LEU A 267 22.27 -8.14 7.80
N ILE A 268 21.68 -8.36 6.63
CA ILE A 268 22.25 -7.83 5.39
C ILE A 268 22.32 -6.31 5.44
N GLY A 269 21.19 -5.67 5.75
CA GLY A 269 21.19 -4.22 5.82
C GLY A 269 21.99 -3.69 6.99
N LEU A 270 22.19 -4.51 8.02
CA LEU A 270 22.99 -4.10 9.16
C LEU A 270 24.46 -4.05 8.80
N GLN A 271 24.96 -5.08 8.14
CA GLN A 271 26.35 -5.05 7.69
C GLN A 271 26.55 -4.00 6.60
N LEU A 272 25.58 -3.82 5.72
CA LEU A 272 25.75 -2.88 4.62
C LEU A 272 25.67 -1.44 5.09
N PHE A 273 24.75 -1.13 5.99
CA PHE A 273 24.42 0.25 6.34
C PHE A 273 24.69 0.54 7.81
N MET A 274 25.60 -0.21 8.42
CA MET A 274 25.85 -0.05 9.86
C MET A 274 26.16 1.39 10.19
N GLY A 275 25.29 2.01 10.97
CA GLY A 275 25.45 3.41 11.30
C GLY A 275 25.52 4.33 10.12
N ASN A 276 25.18 3.83 8.93
CA ASN A 276 25.33 4.60 7.71
C ASN A 276 24.34 5.74 7.62
N LEU A 277 23.14 5.58 8.20
CA LEU A 277 22.14 6.63 8.19
C LEU A 277 22.52 7.82 9.06
N ARG A 278 23.58 7.72 9.86
CA ARG A 278 23.91 8.81 10.75
C ARG A 278 24.46 10.02 10.01
N HIS A 279 25.00 9.83 8.80
CA HIS A 279 25.68 10.89 8.07
C HIS A 279 24.87 12.16 8.03
N LYS A 280 25.53 13.30 8.21
CA LYS A 280 24.87 14.58 8.10
C LYS A 280 25.82 15.56 7.42
N CYS A 281 25.31 16.73 7.10
CA CYS A 281 26.10 17.77 6.45
C CYS A 281 26.50 18.79 7.50
N VAL A 282 27.69 18.58 8.08
CA VAL A 282 28.23 19.45 9.10
C VAL A 282 29.10 20.52 8.45
N ARG A 283 29.05 21.75 8.96
CA ARG A 283 29.94 22.78 8.46
C ARG A 283 31.37 22.42 8.87
N ASN A 284 32.24 22.56 7.86
CA ASN A 284 33.65 22.30 7.94
C ASN A 284 34.14 22.15 9.36
N PHE A 285 35.37 21.71 9.48
CA PHE A 285 35.98 21.47 10.76
C PHE A 285 37.12 22.45 10.86
N THR A 286 37.17 23.18 11.98
CA THR A 286 38.20 24.17 12.25
C THR A 286 39.17 23.67 13.31
N GLU A 287 40.39 23.31 12.92
CA GLU A 287 41.33 22.79 13.92
C GLU A 287 42.52 23.68 14.21
N LEU A 288 42.74 23.91 15.50
CA LEU A 288 43.82 24.76 15.98
C LEU A 288 44.83 23.94 16.76
N ASN A 289 46.11 24.25 16.59
CA ASN A 289 47.16 23.51 17.29
C ASN A 289 47.01 23.69 18.80
N GLY A 290 46.69 24.90 19.23
CA GLY A 290 46.50 25.17 20.64
C GLY A 290 45.25 24.49 21.17
N THR A 291 45.31 24.10 22.45
CA THR A 291 44.22 23.45 23.20
C THR A 291 43.83 22.07 22.67
N ASN A 292 42.62 21.66 22.99
CA ASN A 292 42.10 20.36 22.59
C ASN A 292 43.07 19.23 22.91
N GLY A 299 31.87 30.66 15.29
CA GLY A 299 33.03 31.37 15.82
C GLY A 299 33.75 30.48 16.81
N LEU A 300 33.96 29.23 16.41
CA LEU A 300 34.63 28.21 17.21
C LEU A 300 33.97 27.98 18.58
N VAL A 301 34.79 28.01 19.63
CA VAL A 301 34.37 27.83 21.02
C VAL A 301 33.77 26.46 21.35
N TRP A 302 34.17 25.44 20.60
CA TRP A 302 33.73 24.07 20.81
C TRP A 302 34.94 23.14 20.76
N ASN A 303 34.77 21.92 21.25
CA ASN A 303 35.84 20.93 21.20
C ASN A 303 35.40 19.68 20.43
N SER A 304 35.87 19.55 19.19
CA SER A 304 35.49 18.41 18.32
C SER A 304 34.32 17.51 18.70
N LEU A 305 34.53 16.26 19.06
CA LEU A 305 33.28 15.59 19.40
C LEU A 305 32.34 16.35 20.32
N ASP A 306 32.86 17.05 21.31
CA ASP A 306 31.97 17.70 22.26
C ASP A 306 31.02 18.71 21.62
N VAL A 307 31.53 19.60 20.79
CA VAL A 307 30.68 20.57 20.13
C VAL A 307 29.77 20.01 19.05
N TYR A 308 30.30 19.09 18.23
CA TYR A 308 29.50 18.59 17.10
C TYR A 308 28.21 17.82 17.31
N LEU A 309 28.24 16.86 18.23
CA LEU A 309 27.09 16.04 18.58
C LEU A 309 26.02 16.95 19.17
N ASN A 310 26.47 17.94 19.94
CA ASN A 310 25.60 18.96 20.54
C ASN A 310 25.32 20.13 19.59
N ASP A 311 25.96 20.10 18.40
CA ASP A 311 25.84 21.09 17.33
C ASP A 311 24.51 21.33 16.58
N PRO A 312 23.77 20.28 16.16
CA PRO A 312 22.51 20.38 15.40
C PRO A 312 22.05 21.60 14.58
N ALA A 313 22.01 22.80 15.15
CA ALA A 313 21.64 24.00 14.40
C ALA A 313 22.65 24.25 13.27
N ASN A 314 23.94 24.02 13.56
CA ASN A 314 24.97 24.18 12.55
C ASN A 314 24.68 23.19 11.43
N TYR A 315 24.29 21.98 11.78
CA TYR A 315 23.91 21.00 10.76
C TYR A 315 23.20 21.69 9.62
N LEU A 316 23.21 21.05 8.46
CA LEU A 316 22.52 21.58 7.29
C LEU A 316 21.14 20.95 7.19
N LEU A 317 20.12 21.80 7.07
CA LEU A 317 18.72 21.38 7.09
C LEU A 317 18.23 21.27 5.66
N LYS A 318 17.79 20.07 5.27
CA LYS A 318 17.33 19.84 3.90
C LYS A 318 16.26 20.86 3.53
N ASN A 319 16.39 21.45 2.34
CA ASN A 319 15.53 22.58 1.99
C ASN A 319 14.07 22.18 1.99
N GLY A 320 13.21 23.11 2.43
CA GLY A 320 11.78 22.87 2.44
C GLY A 320 11.33 21.81 3.41
N THR A 321 12.15 21.46 4.40
CA THR A 321 11.77 20.43 5.35
C THR A 321 12.64 20.60 6.59
N THR A 322 12.07 20.29 7.75
CA THR A 322 12.80 20.35 9.01
C THR A 322 13.34 18.95 9.29
N ASP A 323 14.41 18.59 8.59
CA ASP A 323 15.12 17.32 8.77
C ASP A 323 16.58 17.52 8.42
N VAL A 324 17.44 16.79 9.12
CA VAL A 324 18.86 16.82 8.81
C VAL A 324 19.09 16.23 7.43
N LEU A 325 19.97 16.87 6.66
CA LEU A 325 20.33 16.38 5.35
C LEU A 325 21.42 15.34 5.48
N LEU A 326 21.32 14.25 4.73
CA LEU A 326 22.34 13.21 4.81
C LEU A 326 23.42 13.47 3.75
N CYS A 327 24.33 12.53 3.59
CA CYS A 327 25.48 12.73 2.69
C CYS A 327 26.02 11.37 2.29
N GLY A 328 27.22 11.40 1.72
CA GLY A 328 27.92 10.17 1.40
C GLY A 328 29.27 10.47 0.79
N ASN A 329 30.23 9.59 1.09
CA ASN A 329 31.55 9.71 0.50
C ASN A 329 31.59 9.10 -0.90
N SER A 330 30.68 8.18 -1.20
CA SER A 330 30.62 7.62 -2.53
C SER A 330 30.27 8.70 -3.54
N SER A 331 30.60 8.45 -4.80
CA SER A 331 30.12 9.35 -5.84
C SER A 331 28.78 8.91 -6.39
N ASP A 332 27.86 8.56 -5.48
CA ASP A 332 26.46 8.34 -5.79
C ASP A 332 25.52 8.93 -4.77
N ALA A 333 25.96 9.16 -3.54
CA ALA A 333 25.09 9.67 -2.50
C ALA A 333 25.05 11.20 -2.59
N GLY A 334 24.49 11.83 -1.58
CA GLY A 334 24.10 13.22 -1.72
C GLY A 334 25.31 14.14 -1.74
N THR A 335 25.35 15.02 -2.73
CA THR A 335 26.37 16.04 -2.81
C THR A 335 26.07 17.12 -1.79
N CYS A 336 27.06 17.45 -0.98
CA CYS A 336 26.94 18.47 0.04
C CYS A 336 27.39 19.82 -0.53
N PRO A 337 26.70 20.89 -0.20
CA PRO A 337 27.05 22.19 -0.80
C PRO A 337 28.44 22.67 -0.41
N GLU A 338 28.88 23.79 -1.02
CA GLU A 338 30.17 24.35 -0.68
C GLU A 338 30.17 24.86 0.76
N GLY A 339 31.17 24.42 1.52
CA GLY A 339 31.26 24.78 2.92
C GLY A 339 30.61 23.79 3.87
N TYR A 340 30.34 22.57 3.43
CA TYR A 340 29.72 21.56 4.28
C TYR A 340 30.29 20.20 3.91
N ARG A 341 31.17 19.67 4.75
CA ARG A 341 31.67 18.31 4.62
C ARG A 341 30.78 17.40 5.46
N CYS A 342 30.95 16.09 5.35
CA CYS A 342 30.05 15.19 6.04
C CYS A 342 30.79 14.07 6.76
N LEU A 343 30.39 13.82 8.00
CA LEU A 343 31.01 12.84 8.89
C LEU A 343 29.93 12.07 9.62
N LYS A 344 30.19 10.78 9.86
CA LYS A 344 29.25 9.92 10.56
C LYS A 344 28.77 10.49 11.89
N ALA A 345 29.51 11.44 12.46
CA ALA A 345 29.19 11.97 13.77
C ALA A 345 27.84 12.70 13.77
N GLY A 346 26.85 12.11 14.44
CA GLY A 346 25.54 12.72 14.56
C GLY A 346 24.67 11.86 15.44
N GLU A 347 23.51 12.40 15.81
CA GLU A 347 22.63 11.66 16.70
C GLU A 347 21.93 10.51 15.99
N ASN A 348 21.01 10.82 15.07
CA ASN A 348 20.25 9.85 14.29
C ASN A 348 19.26 10.55 13.36
N PRO A 349 18.60 9.82 12.43
CA PRO A 349 17.55 10.43 11.63
C PRO A 349 16.32 10.76 12.46
N ASP A 350 15.20 10.99 11.78
CA ASP A 350 14.10 11.83 12.25
C ASP A 350 13.94 11.89 13.77
N HIS A 351 13.90 10.74 14.44
CA HIS A 351 13.75 10.76 15.90
C HIS A 351 14.60 9.73 16.61
N GLY A 352 15.45 9.00 15.91
CA GLY A 352 16.28 8.00 16.55
C GLY A 352 15.79 6.58 16.42
N TYR A 353 14.74 6.35 15.66
CA TYR A 353 14.17 5.02 15.53
C TYR A 353 14.38 4.40 14.15
N THR A 354 14.88 5.17 13.19
CA THR A 354 15.09 4.65 11.84
C THR A 354 16.51 4.16 11.62
N SER A 355 17.38 4.28 12.61
CA SER A 355 18.77 3.87 12.44
C SER A 355 18.85 2.39 12.07
N PHE A 356 19.84 2.05 11.25
CA PHE A 356 20.01 0.69 10.77
C PHE A 356 21.00 -0.13 11.58
N ASP A 357 21.84 0.51 12.38
CA ASP A 357 22.73 -0.21 13.27
C ASP A 357 21.95 -0.92 14.36
N SER A 358 22.64 -1.74 15.14
CA SER A 358 22.02 -2.36 16.32
C SER A 358 20.81 -3.22 15.94
N PHE A 359 21.05 -4.43 15.47
CA PHE A 359 20.10 -5.27 14.75
C PHE A 359 18.65 -5.15 15.20
N ALA A 360 18.41 -4.78 16.46
CA ALA A 360 17.04 -4.49 16.88
C ALA A 360 16.38 -3.44 15.98
N TRP A 361 17.03 -2.29 15.82
CA TRP A 361 16.42 -1.25 14.99
C TRP A 361 16.42 -1.62 13.52
N ALA A 362 17.35 -2.48 13.09
CA ALA A 362 17.29 -2.95 11.70
C ALA A 362 16.09 -3.85 11.50
N PHE A 363 15.77 -4.69 12.48
CA PHE A 363 14.55 -5.46 12.40
C PHE A 363 13.33 -4.56 12.38
N LEU A 364 13.37 -3.45 13.12
CA LEU A 364 12.26 -2.51 13.04
C LEU A 364 12.13 -1.92 11.65
N ALA A 365 13.22 -1.37 11.11
CA ALA A 365 13.16 -0.73 9.80
C ALA A 365 12.79 -1.72 8.71
N LEU A 366 13.10 -2.99 8.86
CA LEU A 366 12.67 -3.91 7.83
C LEU A 366 11.28 -4.47 8.06
N PHE A 367 10.77 -4.50 9.29
CA PHE A 367 9.34 -4.67 9.41
C PHE A 367 8.60 -3.53 8.74
N ARG A 368 9.20 -2.33 8.77
CA ARG A 368 8.59 -1.20 8.09
C ARG A 368 8.65 -1.35 6.58
N LEU A 369 9.77 -1.84 6.04
CA LEU A 369 9.84 -2.13 4.60
C LEU A 369 9.01 -3.35 4.23
N MET A 370 8.58 -4.15 5.21
CA MET A 370 7.70 -5.26 4.90
C MET A 370 6.25 -4.84 4.88
N THR A 371 5.85 -3.92 5.74
CA THR A 371 4.51 -3.35 5.65
C THR A 371 4.45 -2.17 4.69
N GLN A 372 5.57 -1.76 4.14
CA GLN A 372 5.67 -0.64 3.19
C GLN A 372 5.14 0.65 3.77
N ASP A 373 4.84 0.67 5.06
CA ASP A 373 4.47 1.89 5.75
C ASP A 373 5.55 2.94 5.54
N CYS A 374 5.22 4.00 4.81
CA CYS A 374 6.12 5.13 4.62
C CYS A 374 7.55 4.68 4.33
N TRP A 375 7.69 3.71 3.43
CA TRP A 375 9.03 3.19 3.14
C TRP A 375 9.77 4.08 2.17
N GLU A 376 9.06 4.94 1.45
CA GLU A 376 9.76 5.86 0.56
C GLU A 376 10.68 6.78 1.34
N ARG A 377 10.35 7.07 2.59
CA ARG A 377 11.22 7.92 3.40
C ARG A 377 12.53 7.21 3.73
N LEU A 378 12.44 5.94 4.14
CA LEU A 378 13.64 5.16 4.43
C LEU A 378 14.47 4.92 3.19
N TYR A 379 13.82 4.65 2.06
CA TYR A 379 14.51 4.44 0.79
C TYR A 379 15.26 5.69 0.36
N GLN A 380 14.59 6.83 0.35
CA GLN A 380 15.26 8.07 0.02
C GLN A 380 16.40 8.36 0.98
N GLN A 381 16.22 8.06 2.28
CA GLN A 381 17.27 8.41 3.24
C GLN A 381 18.48 7.49 3.11
N THR A 382 18.25 6.19 2.98
CA THR A 382 19.36 5.29 2.71
C THR A 382 20.11 5.72 1.46
N LEU A 383 19.43 5.78 0.32
CA LEU A 383 20.14 6.11 -0.91
C LEU A 383 20.72 7.52 -0.87
N ARG A 384 20.26 8.38 0.03
CA ARG A 384 20.96 9.63 0.24
C ARG A 384 22.22 9.42 1.05
N SER A 385 22.28 8.35 1.83
CA SER A 385 23.42 8.09 2.69
C SER A 385 24.48 7.23 2.01
N ALA A 386 24.14 5.99 1.65
CA ALA A 386 25.12 5.04 1.15
C ALA A 386 25.46 5.31 -0.30
N GLY A 387 24.50 5.14 -1.19
CA GLY A 387 24.73 5.37 -2.60
C GLY A 387 23.65 4.77 -3.48
N LYS A 388 23.31 5.46 -4.56
CA LYS A 388 22.17 5.07 -5.38
C LYS A 388 22.24 3.65 -5.89
N ILE A 389 23.40 2.99 -5.79
CA ILE A 389 23.47 1.60 -6.26
C ILE A 389 22.59 0.70 -5.43
N TYR A 390 22.44 1.00 -4.15
CA TYR A 390 21.74 0.09 -3.25
C TYR A 390 20.25 0.02 -3.50
N MET A 391 19.74 0.72 -4.51
CA MET A 391 18.37 0.45 -4.88
C MET A 391 18.21 -0.99 -5.29
N ILE A 392 19.31 -1.69 -5.59
CA ILE A 392 19.23 -3.13 -5.77
C ILE A 392 18.78 -3.80 -4.49
N PHE A 393 19.34 -3.39 -3.35
CA PHE A 393 18.91 -3.96 -2.09
C PHE A 393 17.45 -3.63 -1.83
N PHE A 394 17.08 -2.37 -2.07
CA PHE A 394 15.72 -1.96 -1.74
C PHE A 394 14.71 -2.65 -2.65
N MET A 395 15.02 -2.83 -3.93
CA MET A 395 14.08 -3.51 -4.79
C MET A 395 14.09 -5.01 -4.56
N LEU A 396 15.20 -5.58 -4.08
CA LEU A 396 15.17 -6.97 -3.66
C LEU A 396 14.22 -7.16 -2.49
N VAL A 397 14.27 -6.26 -1.50
CA VAL A 397 13.38 -6.36 -0.36
C VAL A 397 11.93 -6.10 -0.77
N ILE A 398 11.72 -5.13 -1.66
CA ILE A 398 10.36 -4.77 -2.04
C ILE A 398 9.72 -5.86 -2.87
N PHE A 399 10.43 -6.36 -3.86
CA PHE A 399 9.87 -7.31 -4.81
C PHE A 399 10.05 -8.76 -4.41
N LEU A 400 10.71 -9.04 -3.30
CA LEU A 400 10.71 -10.39 -2.76
C LEU A 400 10.37 -10.42 -1.27
N GLY A 401 10.77 -9.42 -0.51
CA GLY A 401 10.41 -9.39 0.89
C GLY A 401 9.03 -8.84 1.16
N SER A 402 8.80 -7.58 0.81
CA SER A 402 7.51 -6.94 1.08
C SER A 402 6.39 -7.62 0.31
N PHE A 403 6.44 -7.53 -1.03
CA PHE A 403 5.36 -8.02 -1.85
C PHE A 403 5.11 -9.50 -1.63
N TYR A 404 6.15 -10.32 -1.66
CA TYR A 404 5.95 -11.76 -1.63
C TYR A 404 5.46 -12.23 -0.28
N LEU A 405 6.00 -11.69 0.81
CA LEU A 405 5.50 -12.07 2.13
C LEU A 405 4.07 -11.60 2.33
N VAL A 406 3.76 -10.37 1.93
CA VAL A 406 2.41 -9.85 2.13
C VAL A 406 1.41 -10.71 1.36
N ASN A 407 1.74 -11.05 0.12
CA ASN A 407 0.83 -11.86 -0.66
C ASN A 407 0.80 -13.31 -0.21
N LEU A 408 1.84 -13.78 0.48
CA LEU A 408 1.77 -15.11 1.07
C LEU A 408 0.86 -15.12 2.29
N ILE A 409 0.92 -14.06 3.11
CA ILE A 409 -0.06 -13.90 4.18
C ILE A 409 -1.47 -13.92 3.61
N LEU A 410 -1.69 -13.10 2.57
CA LEU A 410 -2.96 -13.11 1.84
C LEU A 410 -3.37 -14.52 1.46
N ALA A 411 -2.45 -15.27 0.84
CA ALA A 411 -2.79 -16.58 0.32
C ALA A 411 -3.17 -17.55 1.44
N VAL A 412 -2.44 -17.53 2.55
CA VAL A 412 -2.70 -18.52 3.58
C VAL A 412 -3.95 -18.16 4.36
N VAL A 413 -4.19 -16.87 4.61
CA VAL A 413 -5.46 -16.48 5.22
C VAL A 413 -6.62 -16.89 4.33
N ALA A 414 -6.47 -16.70 3.02
CA ALA A 414 -7.52 -17.10 2.09
C ALA A 414 -7.72 -18.61 2.10
N MET A 415 -6.65 -19.35 2.21
CA MET A 415 -6.77 -20.81 2.22
C MET A 415 -7.49 -21.32 3.45
N ALA A 416 -7.19 -20.75 4.62
CA ALA A 416 -7.87 -21.19 5.83
C ALA A 416 -9.34 -20.89 5.71
N TYR A 417 -9.64 -19.67 5.30
CA TYR A 417 -11.02 -19.29 5.19
C TYR A 417 -11.70 -20.22 4.24
N GLU A 418 -11.02 -20.56 3.16
CA GLU A 418 -11.63 -21.42 2.18
C GLU A 418 -11.96 -22.78 2.77
N GLU A 419 -11.04 -23.32 3.55
CA GLU A 419 -11.28 -24.62 4.16
C GLU A 419 -12.45 -24.56 5.12
N GLN A 420 -12.54 -23.49 5.88
CA GLN A 420 -13.63 -23.28 6.82
C GLN A 420 -14.96 -23.20 6.08
N ASN A 421 -14.96 -22.47 4.97
CA ASN A 421 -16.14 -22.30 4.16
C ASN A 421 -16.54 -23.63 3.59
N GLN A 422 -15.57 -24.42 3.16
CA GLN A 422 -15.91 -25.72 2.63
C GLN A 422 -16.51 -26.53 3.76
N ALA A 423 -15.83 -26.59 4.89
CA ALA A 423 -16.34 -27.35 6.02
C ALA A 423 -17.65 -26.75 6.48
N THR A 424 -17.65 -25.43 6.68
CA THR A 424 -18.84 -24.77 7.18
C THR A 424 -19.98 -24.95 6.18
N ILE A 425 -19.69 -24.74 4.91
CA ILE A 425 -20.67 -24.93 3.86
C ILE A 425 -21.03 -26.40 3.78
N ALA A 426 -20.01 -27.24 3.89
CA ALA A 426 -20.18 -28.68 3.83
C ALA A 426 -21.02 -29.26 4.97
N GLU A 427 -20.77 -28.77 6.18
CA GLU A 427 -21.50 -29.26 7.34
C GLU A 427 -22.98 -28.95 7.22
N THR A 428 -23.31 -27.76 6.73
CA THR A 428 -24.69 -27.36 6.54
C THR A 428 -25.37 -28.25 5.51
N GLU A 429 -24.64 -28.60 4.46
CA GLU A 429 -25.16 -29.41 3.37
C GLU A 429 -25.59 -30.79 3.84
N GLU A 430 -24.84 -31.38 4.77
CA GLU A 430 -25.21 -32.70 5.26
C GLU A 430 -26.24 -32.60 6.38
N LYS A 431 -27.47 -32.96 6.05
CA LYS A 431 -28.58 -32.94 6.99
C LYS A 431 -29.42 -34.18 6.79
N GLU A 432 -30.06 -34.65 7.85
CA GLU A 432 -30.90 -35.85 7.78
C GLU A 432 -32.29 -35.53 7.27
N GLU A 502 -64.94 13.58 -3.25
CA GLU A 502 -64.89 12.20 -3.73
C GLU A 502 -66.18 11.45 -3.41
N CYS A 503 -66.63 10.62 -4.36
CA CYS A 503 -67.73 9.69 -4.15
C CYS A 503 -67.33 8.34 -4.69
N CYS A 504 -68.01 7.29 -4.22
CA CYS A 504 -67.57 5.93 -4.53
C CYS A 504 -67.69 5.58 -6.01
N PRO A 505 -68.84 5.78 -6.68
CA PRO A 505 -68.91 5.38 -8.09
C PRO A 505 -67.99 6.20 -8.99
N LEU A 506 -67.92 7.52 -8.80
CA LEU A 506 -67.01 8.33 -9.59
C LEU A 506 -65.57 7.93 -9.33
N TRP A 507 -65.22 7.68 -8.06
CA TRP A 507 -63.87 7.25 -7.71
C TRP A 507 -63.50 5.96 -8.43
N MET A 508 -64.38 4.96 -8.35
CA MET A 508 -64.07 3.67 -8.98
C MET A 508 -63.99 3.80 -10.49
N SER A 509 -64.92 4.56 -11.09
CA SER A 509 -64.92 4.73 -12.54
C SER A 509 -63.64 5.42 -13.01
N ILE A 510 -63.26 6.50 -12.32
CA ILE A 510 -62.05 7.21 -12.69
C ILE A 510 -60.82 6.33 -12.47
N LYS A 511 -60.81 5.53 -11.40
CA LYS A 511 -59.71 4.62 -11.16
C LYS A 511 -59.53 3.64 -12.32
N GLN A 512 -60.61 2.96 -12.70
CA GLN A 512 -60.53 2.01 -13.80
C GLN A 512 -60.12 2.70 -15.09
N LYS A 513 -60.65 3.89 -15.35
CA LYS A 513 -60.36 4.56 -16.61
C LYS A 513 -58.90 5.03 -16.67
N VAL A 514 -58.36 5.50 -15.54
CA VAL A 514 -56.97 5.95 -15.56
C VAL A 514 -56.03 4.75 -15.65
N LYS A 515 -56.41 3.62 -15.03
CA LYS A 515 -55.66 2.39 -15.27
C LYS A 515 -55.64 2.06 -16.76
N PHE A 516 -56.80 2.21 -17.42
CA PHE A 516 -56.86 1.95 -18.86
C PHE A 516 -55.98 2.92 -19.63
N VAL A 517 -55.95 4.19 -19.21
CA VAL A 517 -55.16 5.19 -19.92
C VAL A 517 -53.67 4.87 -19.81
N VAL A 518 -53.18 4.64 -18.60
CA VAL A 518 -51.73 4.50 -18.39
C VAL A 518 -51.34 3.05 -18.14
N MET A 519 -52.05 2.10 -18.73
CA MET A 519 -51.74 0.67 -18.67
C MET A 519 -50.24 0.37 -18.76
N ASP A 520 -49.53 1.01 -19.67
CA ASP A 520 -48.14 0.67 -19.95
C ASP A 520 -47.24 1.89 -19.93
N PRO A 521 -46.43 2.10 -18.88
CA PRO A 521 -45.36 3.10 -18.98
C PRO A 521 -44.27 2.68 -19.96
N PHE A 522 -43.68 1.50 -19.73
CA PHE A 522 -42.57 0.96 -20.50
C PHE A 522 -41.53 2.02 -20.82
N ALA A 523 -41.36 2.99 -19.91
CA ALA A 523 -40.51 4.13 -20.19
C ALA A 523 -39.27 4.13 -19.31
N ASP A 524 -38.79 2.97 -18.89
CA ASP A 524 -37.61 2.92 -18.03
C ASP A 524 -36.39 3.51 -18.74
N LEU A 525 -36.34 3.43 -20.06
CA LEU A 525 -35.23 4.05 -20.79
C LEU A 525 -35.31 5.56 -20.71
N THR A 526 -36.52 6.12 -20.87
CA THR A 526 -36.66 7.57 -20.76
C THR A 526 -36.25 8.05 -19.38
N ILE A 527 -36.81 7.44 -18.33
CA ILE A 527 -36.50 7.93 -16.99
C ILE A 527 -35.07 7.62 -16.60
N THR A 528 -34.48 6.55 -17.12
CA THR A 528 -33.08 6.29 -16.79
C THR A 528 -32.16 7.29 -17.50
N MET A 529 -32.56 7.74 -18.69
CA MET A 529 -31.83 8.85 -19.30
C MET A 529 -32.05 10.14 -18.52
N CYS A 530 -33.23 10.29 -17.91
CA CYS A 530 -33.43 11.43 -17.01
C CYS A 530 -32.53 11.34 -15.79
N ILE A 531 -32.36 10.15 -15.22
CA ILE A 531 -31.47 9.98 -14.08
C ILE A 531 -30.03 10.29 -14.47
N VAL A 532 -29.62 9.79 -15.64
CA VAL A 532 -28.26 10.07 -16.11
C VAL A 532 -28.07 11.56 -16.33
N LEU A 533 -29.07 12.21 -16.94
CA LEU A 533 -28.99 13.65 -17.12
C LEU A 533 -28.98 14.37 -15.79
N ASN A 534 -29.62 13.82 -14.76
CA ASN A 534 -29.61 14.48 -13.47
C ASN A 534 -28.25 14.33 -12.79
N THR A 535 -27.64 13.16 -12.92
CA THR A 535 -26.27 13.00 -12.43
C THR A 535 -25.34 13.98 -13.14
N LEU A 536 -25.48 14.10 -14.46
CA LEU A 536 -24.64 15.03 -15.22
C LEU A 536 -24.96 16.47 -14.87
N PHE A 537 -26.19 16.72 -14.43
CA PHE A 537 -26.62 18.08 -14.17
C PHE A 537 -26.13 18.55 -12.80
N MET A 538 -26.21 17.67 -11.79
CA MET A 538 -25.56 17.95 -10.52
C MET A 538 -24.05 17.97 -10.66
N ALA A 539 -23.51 17.17 -11.59
CA ALA A 539 -22.06 17.11 -11.78
C ALA A 539 -21.51 18.44 -12.24
N LEU A 540 -22.33 19.25 -12.93
CA LEU A 540 -21.85 20.53 -13.43
C LEU A 540 -21.81 21.60 -12.35
N GLU A 541 -21.24 21.26 -11.19
CA GLU A 541 -21.03 22.20 -10.11
C GLU A 541 -19.54 22.46 -9.99
N HIS A 542 -19.18 23.68 -9.63
CA HIS A 542 -17.76 23.98 -9.45
C HIS A 542 -17.63 25.14 -8.48
N TYR A 543 -16.44 25.73 -8.45
CA TYR A 543 -16.10 26.65 -7.37
C TYR A 543 -16.71 28.02 -7.62
N ASN A 544 -16.45 28.60 -8.79
CA ASN A 544 -16.88 29.96 -9.10
C ASN A 544 -17.95 29.87 -10.18
N MET A 545 -19.19 29.66 -9.75
CA MET A 545 -20.30 29.50 -10.67
C MET A 545 -20.95 30.86 -10.92
N THR A 546 -21.16 31.17 -12.20
CA THR A 546 -21.82 32.41 -12.56
C THR A 546 -23.29 32.37 -12.14
N ALA A 547 -23.84 33.56 -11.87
CA ALA A 547 -25.19 33.65 -11.32
C ALA A 547 -26.21 32.98 -12.25
N GLU A 548 -26.11 33.23 -13.55
CA GLU A 548 -27.04 32.61 -14.49
C GLU A 548 -26.85 31.10 -14.52
N PHE A 549 -25.61 30.63 -14.33
CA PHE A 549 -25.39 29.19 -14.33
C PHE A 549 -26.05 28.54 -13.12
N GLU A 550 -25.90 29.14 -11.94
CA GLU A 550 -26.57 28.61 -10.76
C GLU A 550 -28.08 28.67 -10.92
N GLU A 551 -28.58 29.73 -11.57
CA GLU A 551 -30.01 29.82 -11.82
C GLU A 551 -30.49 28.69 -12.71
N MET A 552 -29.74 28.38 -13.77
CA MET A 552 -30.09 27.25 -14.63
C MET A 552 -30.02 25.94 -13.86
N LEU A 553 -29.04 25.81 -12.97
CA LEU A 553 -28.99 24.63 -12.11
C LEU A 553 -30.26 24.47 -11.32
N GLN A 554 -30.74 25.55 -10.70
CA GLN A 554 -31.97 25.46 -9.91
C GLN A 554 -33.18 25.19 -10.78
N VAL A 555 -33.20 25.76 -11.99
CA VAL A 555 -34.30 25.51 -12.92
C VAL A 555 -34.39 24.03 -13.24
N GLY A 556 -33.27 23.44 -13.67
CA GLY A 556 -33.26 22.01 -13.95
C GLY A 556 -33.52 21.17 -12.71
N ASN A 557 -33.12 21.68 -11.55
CA ASN A 557 -33.45 21.02 -10.30
C ASN A 557 -34.96 20.85 -10.17
N LEU A 558 -35.70 21.96 -10.27
CA LEU A 558 -37.15 21.90 -10.18
C LEU A 558 -37.74 21.04 -11.29
N VAL A 559 -37.15 21.12 -12.49
CA VAL A 559 -37.62 20.32 -13.62
C VAL A 559 -37.57 18.84 -13.27
N PHE A 560 -36.40 18.38 -12.84
CA PHE A 560 -36.23 16.96 -12.59
C PHE A 560 -37.03 16.50 -11.37
N THR A 561 -37.18 17.37 -10.37
CA THR A 561 -38.02 17.01 -9.24
C THR A 561 -39.46 16.79 -9.70
N GLY A 562 -39.97 17.72 -10.51
CA GLY A 562 -41.30 17.53 -11.06
C GLY A 562 -41.42 16.28 -11.89
N ILE A 563 -40.39 15.98 -12.68
CA ILE A 563 -40.40 14.78 -13.52
C ILE A 563 -40.51 13.54 -12.65
N PHE A 564 -39.74 13.50 -11.56
CA PHE A 564 -39.72 12.28 -10.74
C PHE A 564 -41.01 12.14 -9.92
N THR A 565 -41.54 13.25 -9.41
CA THR A 565 -42.86 13.18 -8.78
C THR A 565 -43.92 12.73 -9.76
N ALA A 566 -43.87 13.23 -11.00
CA ALA A 566 -44.84 12.81 -11.99
C ALA A 566 -44.74 11.31 -12.26
N GLU A 567 -43.50 10.81 -12.39
CA GLU A 567 -43.33 9.38 -12.63
C GLU A 567 -43.89 8.57 -11.46
N MET A 568 -43.58 8.98 -10.23
CA MET A 568 -44.07 8.25 -9.07
C MET A 568 -45.59 8.26 -9.02
N THR A 569 -46.21 9.42 -9.25
CA THR A 569 -47.66 9.51 -9.18
C THR A 569 -48.32 8.68 -10.28
N PHE A 570 -47.79 8.75 -11.50
CA PHE A 570 -48.39 8.00 -12.59
C PHE A 570 -48.24 6.49 -12.37
N LYS A 571 -47.09 6.06 -11.85
CA LYS A 571 -46.89 4.63 -11.65
C LYS A 571 -47.59 4.13 -10.40
N ILE A 572 -47.98 5.05 -9.50
CA ILE A 572 -48.71 4.62 -8.31
C ILE A 572 -50.22 4.64 -8.57
N ILE A 573 -50.69 5.50 -9.48
CA ILE A 573 -52.09 5.46 -9.87
C ILE A 573 -52.28 4.65 -11.14
N ALA A 574 -51.23 3.97 -11.59
CA ALA A 574 -51.32 3.16 -12.80
C ALA A 574 -51.76 1.73 -12.53
N LEU A 575 -50.99 0.98 -11.74
CA LEU A 575 -51.28 -0.44 -11.58
C LEU A 575 -51.81 -0.75 -10.19
N ASP A 576 -51.04 -0.42 -9.15
CA ASP A 576 -51.44 -0.79 -7.79
C ASP A 576 -50.63 -0.05 -6.74
N PRO A 577 -51.29 0.56 -5.74
CA PRO A 577 -50.53 1.16 -4.64
C PRO A 577 -50.00 0.12 -3.65
N TYR A 578 -50.54 -1.10 -3.64
CA TYR A 578 -49.95 -2.12 -2.79
C TYR A 578 -48.55 -2.51 -3.27
N TYR A 579 -48.22 -2.23 -4.54
CA TYR A 579 -46.85 -2.42 -5.00
C TYR A 579 -45.92 -1.38 -4.40
N TYR A 580 -46.23 -0.09 -4.55
CA TYR A 580 -45.48 0.95 -3.86
C TYR A 580 -45.53 0.80 -2.34
N PHE A 581 -46.39 -0.07 -1.83
CA PHE A 581 -46.33 -0.46 -0.43
C PHE A 581 -45.36 -1.61 -0.20
N GLN A 582 -45.24 -2.52 -1.17
CA GLN A 582 -44.51 -3.76 -0.94
C GLN A 582 -43.08 -3.69 -1.49
N GLN A 583 -42.93 -3.41 -2.77
CA GLN A 583 -41.64 -3.51 -3.44
C GLN A 583 -40.69 -2.42 -2.95
N GLY A 584 -39.57 -2.83 -2.36
CA GLY A 584 -38.63 -1.87 -1.81
C GLY A 584 -38.09 -0.89 -2.83
N TRP A 585 -38.04 -1.31 -4.10
CA TRP A 585 -37.61 -0.42 -5.17
C TRP A 585 -38.48 0.83 -5.19
N ASN A 586 -39.79 0.64 -5.38
CA ASN A 586 -40.74 1.75 -5.31
C ASN A 586 -40.65 2.45 -3.97
N ILE A 587 -40.36 1.70 -2.90
CA ILE A 587 -40.23 2.29 -1.57
C ILE A 587 -39.21 3.41 -1.59
N PHE A 588 -37.98 3.11 -2.03
CA PHE A 588 -36.95 4.13 -1.93
C PHE A 588 -37.07 5.16 -3.05
N ASP A 589 -37.71 4.81 -4.17
CA ASP A 589 -38.05 5.84 -5.14
C ASP A 589 -38.91 6.92 -4.49
N SER A 590 -40.01 6.51 -3.84
CA SER A 590 -40.89 7.48 -3.21
C SER A 590 -40.19 8.16 -2.03
N ILE A 591 -39.31 7.45 -1.34
CA ILE A 591 -38.49 8.07 -0.31
C ILE A 591 -37.75 9.26 -0.88
N ILE A 592 -37.09 9.06 -2.03
CA ILE A 592 -36.32 10.13 -2.65
C ILE A 592 -37.24 11.25 -3.12
N VAL A 593 -38.43 10.90 -3.60
CA VAL A 593 -39.38 11.94 -4.01
C VAL A 593 -39.72 12.85 -2.85
N ILE A 594 -40.19 12.25 -1.74
CA ILE A 594 -40.55 13.05 -0.56
C ILE A 594 -39.34 13.79 -0.02
N LEU A 595 -38.14 13.19 -0.11
CA LEU A 595 -36.95 13.84 0.42
C LEU A 595 -36.58 15.07 -0.40
N SER A 596 -36.65 14.96 -1.73
CA SER A 596 -36.40 16.12 -2.58
C SER A 596 -37.43 17.21 -2.33
N LEU A 597 -38.70 16.83 -2.15
CA LEU A 597 -39.72 17.83 -1.86
C LEU A 597 -39.45 18.52 -0.54
N MET A 598 -39.04 17.76 0.48
CA MET A 598 -38.69 18.36 1.76
C MET A 598 -37.49 19.28 1.63
N GLU A 599 -36.54 18.94 0.76
CA GLU A 599 -35.35 19.76 0.58
C GLU A 599 -35.69 21.08 -0.12
N LEU A 600 -36.53 21.02 -1.15
CA LEU A 600 -37.00 22.25 -1.76
C LEU A 600 -38.00 22.97 -0.88
N GLY A 601 -38.55 22.30 0.13
CA GLY A 601 -39.46 22.91 1.06
C GLY A 601 -38.75 23.72 2.13
N SER A 609 -22.34 22.03 4.12
CA SER A 609 -23.59 22.03 3.38
C SER A 609 -24.06 20.62 3.05
N VAL A 610 -24.56 19.92 4.09
CA VAL A 610 -25.05 18.56 3.91
C VAL A 610 -26.41 18.53 3.24
N LEU A 611 -26.94 19.69 2.86
CA LEU A 611 -28.32 19.79 2.38
C LEU A 611 -28.61 18.85 1.21
N ARG A 612 -27.77 18.88 0.18
CA ARG A 612 -28.10 18.20 -1.06
C ARG A 612 -27.77 16.71 -1.04
N SER A 613 -27.40 16.15 0.12
CA SER A 613 -27.05 14.74 0.21
C SER A 613 -28.16 13.81 -0.23
N PHE A 614 -29.39 14.31 -0.36
CA PHE A 614 -30.53 13.46 -0.70
C PHE A 614 -30.69 13.28 -2.20
N ARG A 615 -30.51 14.33 -3.00
CA ARG A 615 -30.64 14.19 -4.44
C ARG A 615 -29.72 13.11 -4.98
N LEU A 616 -28.50 13.03 -4.46
CA LEU A 616 -27.52 12.06 -4.92
C LEU A 616 -27.96 10.63 -4.67
N LEU A 617 -29.07 10.41 -3.97
CA LEU A 617 -29.59 9.05 -3.84
C LEU A 617 -30.13 8.53 -5.17
N ARG A 618 -30.58 9.43 -6.05
CA ARG A 618 -31.14 8.98 -7.33
C ARG A 618 -30.12 8.21 -8.15
N VAL A 619 -28.83 8.46 -7.94
CA VAL A 619 -27.79 7.86 -8.76
C VAL A 619 -27.81 6.34 -8.65
N PHE A 620 -28.27 5.81 -7.52
CA PHE A 620 -28.11 4.38 -7.26
C PHE A 620 -29.01 3.51 -8.12
N LYS A 621 -30.18 4.01 -8.48
CA LYS A 621 -31.17 3.15 -9.13
C LYS A 621 -30.75 2.68 -10.50
N LEU A 622 -29.62 3.16 -11.01
CA LEU A 622 -29.06 2.63 -12.24
C LEU A 622 -28.62 1.18 -12.10
N ALA A 623 -28.67 0.63 -10.89
CA ALA A 623 -28.14 -0.71 -10.63
C ALA A 623 -29.05 -1.83 -11.11
N LYS A 624 -30.32 -1.51 -11.40
CA LYS A 624 -31.28 -2.59 -11.65
C LYS A 624 -30.96 -3.35 -12.92
N SER A 625 -30.32 -2.69 -13.89
CA SER A 625 -29.92 -3.32 -15.13
C SER A 625 -28.41 -3.40 -15.28
N TRP A 626 -27.66 -3.04 -14.25
CA TRP A 626 -26.21 -3.02 -14.33
C TRP A 626 -25.62 -4.14 -13.47
N PRO A 627 -25.42 -5.34 -14.03
CA PRO A 627 -24.95 -6.47 -13.21
C PRO A 627 -23.71 -6.18 -12.39
N THR A 628 -22.81 -5.32 -12.88
CA THR A 628 -21.59 -5.04 -12.12
C THR A 628 -21.88 -4.14 -10.93
N LEU A 629 -22.70 -3.10 -11.13
CA LEU A 629 -23.08 -2.29 -9.99
C LEU A 629 -24.03 -3.04 -9.09
N ASN A 630 -24.74 -4.04 -9.63
CA ASN A 630 -25.47 -4.97 -8.78
C ASN A 630 -24.52 -5.78 -7.91
N THR A 631 -23.35 -6.13 -8.45
CA THR A 631 -22.37 -6.88 -7.65
C THR A 631 -21.76 -6.00 -6.57
N LEU A 632 -21.47 -4.74 -6.87
CA LEU A 632 -21.00 -3.83 -5.81
C LEU A 632 -22.08 -3.61 -4.76
N ILE A 633 -23.34 -3.54 -5.17
CA ILE A 633 -24.44 -3.42 -4.21
C ILE A 633 -24.53 -4.68 -3.35
N LYS A 634 -24.36 -5.85 -3.96
CA LYS A 634 -24.35 -7.09 -3.20
C LYS A 634 -23.21 -7.11 -2.19
N ILE A 635 -22.06 -6.58 -2.58
CA ILE A 635 -20.92 -6.53 -1.65
C ILE A 635 -21.24 -5.62 -0.47
N ILE A 636 -21.70 -4.40 -0.75
CA ILE A 636 -22.01 -3.48 0.35
C ILE A 636 -23.13 -4.03 1.23
N GLY A 637 -24.04 -4.82 0.65
CA GLY A 637 -25.08 -5.43 1.46
C GLY A 637 -24.56 -6.57 2.32
N ASN A 638 -23.69 -7.41 1.78
CA ASN A 638 -23.08 -8.47 2.57
C ASN A 638 -22.18 -7.90 3.66
N SER A 639 -21.72 -6.65 3.50
CA SER A 639 -20.92 -6.03 4.54
C SER A 639 -21.68 -5.95 5.86
N VAL A 640 -22.97 -5.60 5.80
CA VAL A 640 -23.80 -5.52 7.00
C VAL A 640 -24.80 -6.66 7.07
N GLY A 641 -24.59 -7.71 6.29
CA GLY A 641 -25.46 -8.87 6.31
C GLY A 641 -24.80 -10.12 6.86
N ALA A 642 -24.33 -11.00 5.98
CA ALA A 642 -23.66 -12.21 6.42
C ALA A 642 -22.39 -11.89 7.18
N LEU A 643 -21.57 -10.99 6.65
CA LEU A 643 -20.34 -10.55 7.30
C LEU A 643 -20.57 -9.43 8.31
N GLY A 644 -21.82 -9.22 8.73
CA GLY A 644 -22.09 -8.20 9.72
C GLY A 644 -21.48 -8.52 11.07
N ASN A 645 -21.47 -9.80 11.44
CA ASN A 645 -20.82 -10.19 12.69
C ASN A 645 -19.33 -9.90 12.66
N LEU A 646 -18.66 -10.15 11.53
CA LEU A 646 -17.23 -9.90 11.47
C LEU A 646 -16.94 -8.41 11.42
N THR A 647 -17.81 -7.63 10.74
CA THR A 647 -17.71 -6.19 10.83
C THR A 647 -17.85 -5.74 12.28
N LEU A 648 -18.71 -6.40 13.04
CA LEU A 648 -18.87 -6.06 14.45
C LEU A 648 -17.61 -6.37 15.24
N VAL A 649 -17.01 -7.52 14.99
CA VAL A 649 -15.72 -7.85 15.62
C VAL A 649 -14.72 -6.73 15.35
N LEU A 650 -14.64 -6.28 14.10
CA LEU A 650 -13.70 -5.23 13.75
C LEU A 650 -14.02 -3.93 14.46
N ALA A 651 -15.29 -3.56 14.53
CA ALA A 651 -15.67 -2.32 15.18
C ALA A 651 -15.35 -2.36 16.67
N ILE A 652 -15.62 -3.50 17.31
CA ILE A 652 -15.33 -3.67 18.73
C ILE A 652 -13.84 -3.59 18.98
N ILE A 653 -13.03 -4.17 18.10
CA ILE A 653 -11.57 -4.12 18.26
C ILE A 653 -11.09 -2.68 18.13
N VAL A 654 -11.57 -1.96 17.13
CA VAL A 654 -11.17 -0.56 16.97
C VAL A 654 -11.56 0.23 18.21
N PHE A 655 -12.75 -0.02 18.75
CA PHE A 655 -13.18 0.72 19.93
C PHE A 655 -12.30 0.40 21.13
N ILE A 656 -12.08 -0.88 21.39
CA ILE A 656 -11.25 -1.30 22.52
C ILE A 656 -9.90 -0.63 22.45
N PHE A 657 -9.27 -0.64 21.28
CA PHE A 657 -7.94 -0.06 21.18
C PHE A 657 -7.97 1.45 21.26
N ALA A 658 -9.01 2.09 20.72
CA ALA A 658 -9.08 3.53 20.82
C ALA A 658 -9.25 4.00 22.26
N VAL A 659 -10.00 3.26 23.06
CA VAL A 659 -10.15 3.64 24.47
C VAL A 659 -8.97 3.19 25.33
N VAL A 660 -8.31 2.09 24.96
CA VAL A 660 -7.08 1.71 25.66
C VAL A 660 -6.01 2.78 25.47
N GLY A 661 -5.73 3.11 24.21
CA GLY A 661 -4.70 4.08 23.94
C GLY A 661 -5.00 5.44 24.53
N MET A 662 -6.28 5.83 24.55
CA MET A 662 -6.61 7.18 24.96
C MET A 662 -6.28 7.41 26.43
N GLN A 663 -6.68 6.49 27.31
CA GLN A 663 -6.34 6.67 28.71
C GLN A 663 -5.09 5.92 29.12
N LEU A 664 -4.32 5.39 28.18
CA LEU A 664 -2.93 5.08 28.48
C LEU A 664 -2.00 6.25 28.18
N PHE A 665 -2.26 6.99 27.10
CA PHE A 665 -1.35 8.05 26.70
C PHE A 665 -1.96 9.44 26.71
N GLY A 666 -3.14 9.64 27.31
CA GLY A 666 -3.75 10.96 27.26
C GLY A 666 -2.99 11.99 28.07
N LYS A 667 -2.69 11.67 29.32
CA LYS A 667 -1.90 12.57 30.14
C LYS A 667 -0.59 12.92 29.46
N ASN A 668 0.06 11.93 28.86
CA ASN A 668 1.33 12.18 28.18
C ASN A 668 1.14 13.10 26.98
N TYR A 669 0.19 12.76 26.11
CA TYR A 669 -0.05 13.58 24.92
C TYR A 669 -0.44 15.00 25.29
N SER A 670 -1.01 15.20 26.47
CA SER A 670 -1.47 16.52 26.87
C SER A 670 -0.40 17.34 27.57
N GLU A 671 0.47 16.72 28.36
CA GLU A 671 1.46 17.46 29.13
C GLU A 671 2.83 17.51 28.47
N LEU A 672 3.21 16.48 27.73
CA LEU A 672 4.43 16.48 26.93
C LEU A 672 4.16 16.88 25.49
N ARG A 673 3.13 17.68 25.26
CA ARG A 673 2.73 18.07 23.91
C ARG A 673 3.83 18.81 23.17
N HIS A 674 4.75 19.45 23.89
CA HIS A 674 5.79 20.22 23.22
C HIS A 674 6.81 19.33 22.53
N ARG A 675 6.99 18.10 22.98
CA ARG A 675 7.94 17.19 22.36
C ARG A 675 7.35 16.44 21.18
N ILE A 676 6.21 16.89 20.66
CA ILE A 676 5.52 16.15 19.61
C ILE A 676 5.09 17.03 18.45
N SER A 677 5.17 18.35 18.57
CA SER A 677 4.73 19.26 17.52
C SER A 677 5.74 20.38 17.36
N ASP A 678 5.79 20.97 16.17
CA ASP A 678 6.75 22.02 15.86
C ASP A 678 6.56 23.28 16.69
N SER A 679 5.42 23.96 16.51
CA SER A 679 5.13 25.16 17.29
C SER A 679 4.20 24.80 18.44
N GLY A 680 4.14 25.66 19.45
CA GLY A 680 3.27 25.37 20.57
C GLY A 680 1.83 25.26 20.12
N LEU A 681 1.34 24.02 20.02
CA LEU A 681 0.06 23.68 19.42
C LEU A 681 -0.29 22.23 19.75
N LEU A 682 -1.55 21.84 19.64
CA LEU A 682 -1.89 20.45 19.74
C LEU A 682 -1.37 19.71 18.49
N PRO A 683 -1.17 18.41 18.57
CA PRO A 683 -0.73 17.67 17.40
C PRO A 683 -1.88 17.50 16.42
N ARG A 684 -1.53 17.20 15.18
CA ARG A 684 -2.58 16.86 14.22
C ARG A 684 -3.16 15.50 14.52
N TRP A 685 -2.38 14.63 15.15
CA TRP A 685 -2.84 13.30 15.53
C TRP A 685 -2.40 13.06 16.97
N HIS A 686 -3.37 13.05 17.87
CA HIS A 686 -3.20 12.78 19.29
C HIS A 686 -4.17 11.70 19.74
N MET A 687 -4.07 11.31 21.01
CA MET A 687 -4.98 10.33 21.58
C MET A 687 -5.71 10.84 22.80
N MET A 688 -5.66 12.15 23.07
CA MET A 688 -6.25 12.66 24.29
C MET A 688 -7.76 12.52 24.28
N ASP A 689 -8.39 12.90 23.18
CA ASP A 689 -9.84 12.76 23.06
C ASP A 689 -10.17 11.31 22.71
N PHE A 690 -11.41 11.05 22.32
CA PHE A 690 -11.71 9.73 21.78
C PHE A 690 -11.89 9.73 20.29
N PHE A 691 -12.40 10.81 19.71
CA PHE A 691 -12.44 10.89 18.26
C PHE A 691 -11.04 10.75 17.68
N HIS A 692 -10.06 11.41 18.30
CA HIS A 692 -8.71 11.37 17.77
C HIS A 692 -8.05 10.01 18.00
N ALA A 693 -8.38 9.35 19.10
CA ALA A 693 -7.84 8.00 19.29
C ALA A 693 -8.47 7.03 18.30
N PHE A 694 -9.75 7.22 17.99
CA PHE A 694 -10.34 6.41 16.94
C PHE A 694 -9.73 6.73 15.60
N LEU A 695 -9.32 7.98 15.38
CA LEU A 695 -8.67 8.31 14.12
C LEU A 695 -7.28 7.67 14.03
N ILE A 696 -6.53 7.65 15.12
CA ILE A 696 -5.23 6.98 15.13
C ILE A 696 -5.40 5.49 14.86
N ILE A 697 -6.40 4.87 15.49
CA ILE A 697 -6.59 3.44 15.23
C ILE A 697 -7.07 3.22 13.81
N PHE A 698 -7.81 4.16 13.25
CA PHE A 698 -8.22 4.02 11.86
C PHE A 698 -7.02 4.12 10.93
N ARG A 699 -6.19 5.14 11.12
CA ARG A 699 -4.96 5.27 10.36
C ARG A 699 -4.15 3.99 10.42
N ILE A 700 -3.93 3.47 11.61
CA ILE A 700 -3.17 2.22 11.75
C ILE A 700 -3.86 1.08 10.99
N LEU A 701 -5.19 1.10 10.94
CA LEU A 701 -5.88 0.09 10.14
C LEU A 701 -5.57 0.24 8.66
N CYS A 702 -5.49 1.48 8.18
CA CYS A 702 -5.21 1.73 6.77
C CYS A 702 -3.82 1.27 6.36
N GLY A 703 -2.87 1.23 7.29
CA GLY A 703 -1.54 0.76 6.98
C GLY A 703 -0.45 1.78 7.17
N GLU A 704 -0.68 2.81 7.97
CA GLU A 704 0.32 3.87 8.22
C GLU A 704 0.49 4.05 9.72
N TRP A 705 1.36 3.24 10.33
CA TRP A 705 1.50 3.24 11.78
C TRP A 705 2.80 3.84 12.26
N ILE A 706 3.91 3.62 11.59
CA ILE A 706 5.20 4.07 12.12
C ILE A 706 5.20 5.58 12.35
N GLU A 707 4.47 6.34 11.52
CA GLU A 707 4.65 7.77 11.57
C GLU A 707 3.94 8.40 12.76
N THR A 708 3.03 7.67 13.40
CA THR A 708 2.47 8.11 14.67
C THR A 708 3.02 7.32 15.85
N MET A 709 3.56 6.13 15.62
CA MET A 709 4.28 5.45 16.68
C MET A 709 5.53 6.21 17.07
N TRP A 710 6.18 6.90 16.11
CA TRP A 710 7.31 7.74 16.49
C TRP A 710 6.87 8.78 17.51
N ASP A 711 5.72 9.40 17.31
CA ASP A 711 5.23 10.39 18.25
C ASP A 711 4.86 9.74 19.58
N CYS A 712 4.11 8.64 19.52
CA CYS A 712 3.70 7.95 20.75
C CYS A 712 4.88 7.45 21.55
N MET A 713 6.01 7.21 20.90
CA MET A 713 7.22 6.83 21.64
C MET A 713 7.96 8.06 22.13
N GLU A 714 7.91 9.14 21.37
CA GLU A 714 8.55 10.37 21.80
C GLU A 714 7.85 11.00 23.00
N VAL A 715 6.60 10.63 23.26
CA VAL A 715 5.84 11.24 24.33
C VAL A 715 5.61 10.28 25.50
N SER A 716 5.27 9.03 25.23
CA SER A 716 4.89 8.11 26.30
C SER A 716 6.05 7.26 26.78
N GLY A 717 6.62 6.43 25.91
CA GLY A 717 7.65 5.50 26.31
C GLY A 717 7.67 4.28 25.42
N GLN A 718 8.87 3.86 25.02
CA GLN A 718 9.00 2.95 23.88
C GLN A 718 8.34 1.61 24.13
N SER A 719 8.44 1.09 25.35
CA SER A 719 8.03 -0.28 25.59
C SER A 719 6.55 -0.50 25.30
N LEU A 720 5.69 0.14 26.09
CA LEU A 720 4.26 -0.11 25.96
C LEU A 720 3.68 0.49 24.70
N CYS A 721 4.28 1.56 24.18
CA CYS A 721 3.81 2.14 22.93
C CYS A 721 4.08 1.21 21.76
N LEU A 722 5.30 0.70 21.66
CA LEU A 722 5.57 -0.35 20.68
C LEU A 722 4.64 -1.52 20.88
N LEU A 723 4.37 -1.90 22.13
CA LEU A 723 3.49 -3.03 22.39
C LEU A 723 2.10 -2.80 21.80
N VAL A 724 1.46 -1.70 22.15
CA VAL A 724 0.08 -1.48 21.73
C VAL A 724 0.01 -1.25 20.22
N PHE A 725 0.98 -0.54 19.63
CA PHE A 725 0.89 -0.28 18.20
C PHE A 725 1.19 -1.53 17.38
N LEU A 726 2.19 -2.32 17.77
CA LEU A 726 2.40 -3.59 17.09
C LEU A 726 1.19 -4.49 17.23
N LEU A 727 0.58 -4.51 18.41
CA LEU A 727 -0.60 -5.34 18.61
C LEU A 727 -1.74 -4.91 17.70
N VAL A 728 -2.02 -3.61 17.64
CA VAL A 728 -3.13 -3.16 16.82
C VAL A 728 -2.81 -3.36 15.35
N MET A 729 -1.55 -3.16 14.96
CA MET A 729 -1.14 -3.46 13.59
C MET A 729 -1.49 -4.90 13.24
N VAL A 730 -0.89 -5.85 13.96
CA VAL A 730 -1.08 -7.26 13.63
C VAL A 730 -2.56 -7.63 13.69
N ILE A 731 -3.22 -7.38 14.83
CA ILE A 731 -4.58 -7.85 15.02
C ILE A 731 -5.54 -7.17 14.04
N GLY A 732 -5.50 -5.83 13.98
CA GLY A 732 -6.43 -5.12 13.13
C GLY A 732 -6.23 -5.41 11.66
N ASN A 733 -4.97 -5.43 11.20
CA ASN A 733 -4.76 -5.80 9.82
C ASN A 733 -5.20 -7.23 9.56
N LEU A 734 -5.11 -8.10 10.55
CA LEU A 734 -5.55 -9.48 10.36
C LEU A 734 -7.07 -9.56 10.22
N VAL A 735 -7.81 -8.81 11.04
CA VAL A 735 -9.27 -8.87 10.93
C VAL A 735 -9.74 -8.15 9.67
N VAL A 736 -9.04 -7.07 9.29
CA VAL A 736 -9.36 -6.40 8.02
C VAL A 736 -9.10 -7.35 6.85
N LEU A 737 -8.02 -8.11 6.92
CA LEU A 737 -7.72 -9.07 5.87
C LEU A 737 -8.77 -10.18 5.81
N ASN A 738 -9.16 -10.69 6.97
CA ASN A 738 -10.19 -11.74 6.98
C ASN A 738 -11.52 -11.23 6.45
N LEU A 739 -11.88 -10.00 6.81
CA LEU A 739 -13.12 -9.42 6.29
C LEU A 739 -13.05 -9.22 4.79
N PHE A 740 -11.95 -8.67 4.31
CA PHE A 740 -11.75 -8.46 2.88
C PHE A 740 -11.86 -9.77 2.12
N LEU A 741 -11.21 -10.81 2.62
CA LEU A 741 -11.21 -12.09 1.91
C LEU A 741 -12.58 -12.77 1.99
N ALA A 742 -13.28 -12.64 3.11
CA ALA A 742 -14.63 -13.20 3.19
C ALA A 742 -15.55 -12.54 2.18
N LEU A 743 -15.48 -11.21 2.07
CA LEU A 743 -16.30 -10.51 1.09
C LEU A 743 -15.93 -10.94 -0.33
N LEU A 744 -14.63 -10.94 -0.63
CA LEU A 744 -14.16 -11.25 -1.99
C LEU A 744 -14.48 -12.69 -2.35
N LEU A 745 -14.60 -13.57 -1.36
CA LEU A 745 -15.00 -14.96 -1.65
C LEU A 745 -16.51 -15.06 -1.85
N SER A 746 -17.29 -14.46 -0.95
CA SER A 746 -18.74 -14.54 -1.06
C SER A 746 -19.30 -13.74 -2.22
N SER A 747 -18.47 -12.96 -2.92
CA SER A 747 -18.96 -12.25 -4.10
C SER A 747 -19.41 -13.19 -5.21
N PHE A 748 -18.99 -14.45 -5.17
CA PHE A 748 -19.29 -15.39 -6.25
C PHE A 748 -20.68 -15.99 -6.11
N GLY A 872 4.90 -10.46 -63.58
CA GLY A 872 5.32 -11.76 -64.06
C GLY A 872 5.90 -12.64 -62.98
N LYS A 873 6.72 -13.62 -63.37
CA LYS A 873 7.33 -14.54 -62.42
C LYS A 873 8.33 -13.87 -61.49
N VAL A 874 8.81 -12.67 -61.85
CA VAL A 874 9.67 -11.92 -60.94
C VAL A 874 8.93 -11.57 -59.66
N TRP A 875 7.61 -11.42 -59.75
CA TRP A 875 6.79 -11.23 -58.56
C TRP A 875 6.94 -12.41 -57.60
N TRP A 876 6.70 -13.64 -58.11
CA TRP A 876 6.89 -14.82 -57.28
C TRP A 876 8.32 -14.93 -56.77
N ARG A 877 9.30 -14.65 -57.62
CA ARG A 877 10.70 -14.71 -57.21
C ARG A 877 10.95 -13.80 -56.00
N LEU A 878 10.66 -12.50 -56.16
CA LEU A 878 10.92 -11.55 -55.09
C LEU A 878 10.12 -11.86 -53.84
N ARG A 879 8.86 -12.25 -54.00
CA ARG A 879 8.04 -12.54 -52.82
C ARG A 879 8.57 -13.76 -52.08
N LYS A 880 9.08 -14.76 -52.80
CA LYS A 880 9.65 -15.92 -52.13
C LYS A 880 10.96 -15.58 -51.43
N THR A 881 11.80 -14.76 -52.06
CA THR A 881 12.99 -14.27 -51.37
C THR A 881 12.63 -13.51 -50.11
N CYS A 882 11.60 -12.66 -50.18
CA CYS A 882 11.19 -11.89 -49.01
C CYS A 882 10.65 -12.80 -47.90
N TYR A 883 9.83 -13.78 -48.27
CA TYR A 883 9.35 -14.74 -47.28
C TYR A 883 10.50 -15.47 -46.63
N ARG A 884 11.47 -15.93 -47.41
CA ARG A 884 12.60 -16.67 -46.86
C ARG A 884 13.43 -15.78 -45.93
N ILE A 885 13.57 -14.51 -46.29
CA ILE A 885 14.42 -13.63 -45.49
C ILE A 885 13.70 -13.16 -44.24
N VAL A 886 12.36 -13.11 -44.28
CA VAL A 886 11.63 -12.67 -43.10
C VAL A 886 11.45 -13.82 -42.12
N GLU A 887 11.36 -15.05 -42.63
CA GLU A 887 11.38 -16.19 -41.72
C GLU A 887 12.80 -16.59 -41.32
N HIS A 888 13.81 -15.87 -41.80
CA HIS A 888 15.19 -16.12 -41.44
C HIS A 888 15.48 -15.56 -40.05
N SER A 889 15.98 -16.43 -39.17
CA SER A 889 16.14 -16.04 -37.76
C SER A 889 17.14 -14.92 -37.58
N TRP A 890 18.19 -14.89 -38.39
CA TRP A 890 19.18 -13.83 -38.24
C TRP A 890 18.58 -12.46 -38.52
N PHE A 891 17.60 -12.37 -39.41
CA PHE A 891 16.89 -11.11 -39.63
C PHE A 891 16.13 -10.68 -38.38
N GLU A 892 15.46 -11.64 -37.72
CA GLU A 892 14.72 -11.33 -36.50
C GLU A 892 15.66 -10.86 -35.41
N THR A 893 16.78 -11.56 -35.23
CA THR A 893 17.75 -11.12 -34.22
C THR A 893 18.35 -9.77 -34.59
N PHE A 894 18.48 -9.50 -35.88
CA PHE A 894 18.92 -8.19 -36.33
C PHE A 894 17.99 -7.10 -35.84
N ILE A 895 16.69 -7.24 -36.14
CA ILE A 895 15.77 -6.19 -35.71
C ILE A 895 15.61 -6.17 -34.20
N ILE A 896 15.83 -7.31 -33.53
CA ILE A 896 15.76 -7.33 -32.07
C ILE A 896 16.86 -6.46 -31.48
N PHE A 897 18.11 -6.70 -31.88
CA PHE A 897 19.17 -5.86 -31.36
C PHE A 897 19.05 -4.44 -31.88
N MET A 898 18.40 -4.25 -33.02
CA MET A 898 18.14 -2.91 -33.53
C MET A 898 17.23 -2.14 -32.58
N ILE A 899 16.12 -2.75 -32.17
CA ILE A 899 15.20 -2.06 -31.27
C ILE A 899 15.82 -1.90 -29.89
N LEU A 900 16.66 -2.83 -29.48
CA LEU A 900 17.41 -2.64 -28.24
C LEU A 900 18.28 -1.38 -28.32
N LEU A 901 19.08 -1.26 -29.39
CA LEU A 901 19.92 -0.08 -29.52
C LEU A 901 19.11 1.19 -29.63
N SER A 902 17.93 1.12 -30.25
CA SER A 902 17.11 2.32 -30.37
C SER A 902 16.56 2.75 -29.02
N SER A 903 16.11 1.78 -28.21
CA SER A 903 15.71 2.09 -26.84
C SER A 903 16.86 2.70 -26.05
N GLY A 904 18.07 2.18 -26.23
CA GLY A 904 19.21 2.81 -25.61
C GLY A 904 19.39 4.26 -26.05
N ALA A 905 19.37 4.49 -27.36
CA ALA A 905 19.47 5.83 -27.89
C ALA A 905 18.43 6.75 -27.28
N LEU A 906 17.26 6.20 -26.96
CA LEU A 906 16.27 6.96 -26.21
C LEU A 906 16.78 7.26 -24.80
N ALA A 907 17.34 6.24 -24.14
CA ALA A 907 17.79 6.40 -22.77
C ALA A 907 18.90 7.43 -22.64
N PHE A 908 19.60 7.76 -23.73
CA PHE A 908 20.66 8.75 -23.67
C PHE A 908 20.17 10.17 -23.92
N GLU A 909 18.87 10.43 -23.75
CA GLU A 909 18.26 11.70 -24.11
C GLU A 909 18.02 12.60 -22.90
N ASP A 910 18.90 12.56 -21.91
CA ASP A 910 18.70 13.33 -20.68
C ASP A 910 19.06 14.78 -20.93
N ILE A 911 19.22 15.57 -19.85
CA ILE A 911 19.49 16.99 -20.00
C ILE A 911 20.96 17.28 -20.31
N TYR A 912 21.85 16.31 -20.18
CA TYR A 912 23.27 16.57 -20.36
C TYR A 912 23.73 16.42 -21.80
N LEU A 913 22.82 16.47 -22.77
CA LEU A 913 23.23 16.37 -24.17
C LEU A 913 24.06 17.58 -24.58
N GLU A 914 23.64 18.77 -24.15
CA GLU A 914 24.37 19.98 -24.51
C GLU A 914 25.83 19.94 -24.09
N GLU A 915 26.16 19.15 -23.06
CA GLU A 915 27.56 18.96 -22.71
C GLU A 915 28.18 17.85 -23.54
N ARG A 916 27.36 16.98 -24.12
CA ARG A 916 27.84 15.86 -24.93
C ARG A 916 27.66 16.23 -26.40
N LYS A 917 28.62 16.98 -26.95
CA LYS A 917 28.44 17.53 -28.29
C LYS A 917 28.70 16.52 -29.39
N THR A 918 29.35 15.40 -29.06
CA THR A 918 29.57 14.36 -30.07
C THR A 918 28.40 13.39 -30.13
N ILE A 919 27.94 12.93 -28.97
CA ILE A 919 26.81 12.01 -28.93
C ILE A 919 25.55 12.66 -29.49
N LYS A 920 25.47 13.99 -29.47
CA LYS A 920 24.35 14.67 -30.12
C LYS A 920 24.20 14.23 -31.56
N VAL A 921 25.23 14.46 -32.38
CA VAL A 921 25.13 14.13 -33.79
C VAL A 921 25.21 12.63 -34.00
N LEU A 922 25.92 11.92 -33.11
CA LEU A 922 25.92 10.46 -33.20
C LEU A 922 24.50 9.92 -33.13
N LEU A 923 23.72 10.40 -32.16
CA LEU A 923 22.35 9.93 -32.03
C LEU A 923 21.44 10.52 -33.09
N GLU A 924 21.79 11.69 -33.64
CA GLU A 924 21.06 12.19 -34.80
C GLU A 924 21.12 11.20 -35.95
N TYR A 925 22.34 10.88 -36.40
CA TYR A 925 22.51 9.87 -37.43
C TYR A 925 21.91 8.54 -37.01
N ALA A 926 22.00 8.20 -35.73
CA ALA A 926 21.43 6.95 -35.26
C ALA A 926 19.92 6.93 -35.48
N ASP A 927 19.24 8.01 -35.11
CA ASP A 927 17.79 8.10 -35.30
C ASP A 927 17.43 8.00 -36.78
N LYS A 928 18.19 8.68 -37.63
CA LYS A 928 17.93 8.56 -39.07
C LYS A 928 18.08 7.12 -39.52
N MET A 929 19.13 6.44 -39.05
CA MET A 929 19.35 5.05 -39.44
C MET A 929 18.25 4.15 -38.91
N PHE A 930 17.76 4.43 -37.70
CA PHE A 930 16.71 3.62 -37.12
C PHE A 930 15.43 3.75 -37.93
N THR A 931 15.00 4.97 -38.20
CA THR A 931 13.77 5.12 -38.97
C THR A 931 13.92 4.54 -40.37
N TYR A 932 15.13 4.64 -40.95
CA TYR A 932 15.35 4.05 -42.27
C TYR A 932 15.21 2.53 -42.22
N VAL A 933 15.94 1.87 -41.33
CA VAL A 933 15.87 0.41 -41.30
C VAL A 933 14.48 -0.06 -40.94
N PHE A 934 13.76 0.69 -40.11
CA PHE A 934 12.45 0.23 -39.70
C PHE A 934 11.42 0.42 -40.80
N VAL A 935 11.47 1.53 -41.54
CA VAL A 935 10.57 1.64 -42.67
C VAL A 935 10.96 0.64 -43.75
N LEU A 936 12.25 0.29 -43.83
CA LEU A 936 12.68 -0.70 -44.80
C LEU A 936 12.07 -2.06 -44.50
N GLU A 937 12.24 -2.55 -43.27
CA GLU A 937 11.62 -3.82 -42.91
C GLU A 937 10.10 -3.74 -42.97
N MET A 938 9.55 -2.55 -42.77
CA MET A 938 8.11 -2.37 -42.97
C MET A 938 7.72 -2.64 -44.42
N LEU A 939 8.48 -2.07 -45.36
CA LEU A 939 8.20 -2.31 -46.77
C LEU A 939 8.41 -3.77 -47.14
N LEU A 940 9.41 -4.43 -46.54
CA LEU A 940 9.60 -5.85 -46.79
C LEU A 940 8.38 -6.65 -46.32
N LYS A 941 7.90 -6.36 -45.11
CA LYS A 941 6.68 -7.00 -44.63
C LYS A 941 5.52 -6.73 -45.59
N TRP A 942 5.43 -5.50 -46.08
CA TRP A 942 4.36 -5.14 -47.01
C TRP A 942 4.40 -6.00 -48.25
N VAL A 943 5.55 -6.04 -48.94
CA VAL A 943 5.65 -6.77 -50.20
C VAL A 943 5.64 -8.27 -49.99
N ALA A 944 5.86 -8.74 -48.77
CA ALA A 944 5.90 -10.19 -48.53
C ALA A 944 4.55 -10.74 -48.09
N TYR A 945 3.99 -10.21 -47.01
CA TYR A 945 2.85 -10.85 -46.36
C TYR A 945 1.50 -10.42 -46.90
N GLY A 946 1.44 -9.37 -47.72
CA GLY A 946 0.18 -8.93 -48.26
C GLY A 946 -0.65 -8.12 -47.27
N PHE A 947 -1.37 -7.11 -47.78
CA PHE A 947 -2.02 -6.14 -46.92
C PHE A 947 -3.06 -6.77 -46.00
N LYS A 948 -3.42 -8.03 -46.24
CA LYS A 948 -4.38 -8.69 -45.37
C LYS A 948 -3.69 -9.39 -44.20
N LYS A 949 -2.76 -10.31 -44.50
CA LYS A 949 -2.05 -11.02 -43.45
C LYS A 949 -1.15 -10.09 -42.65
N TYR A 950 -0.91 -8.88 -43.14
CA TYR A 950 -0.17 -7.91 -42.35
C TYR A 950 -1.08 -7.19 -41.38
N PHE A 951 -2.09 -6.50 -41.90
CA PHE A 951 -2.98 -5.74 -41.02
C PHE A 951 -3.95 -6.61 -40.25
N THR A 952 -3.83 -7.93 -40.29
CA THR A 952 -4.63 -8.74 -39.38
C THR A 952 -4.08 -8.77 -37.96
N ASN A 953 -2.75 -8.79 -37.79
CA ASN A 953 -2.17 -8.77 -36.44
C ASN A 953 -2.15 -7.35 -35.90
N ALA A 954 -2.35 -7.23 -34.59
CA ALA A 954 -2.40 -5.90 -33.98
C ALA A 954 -1.01 -5.35 -33.71
N TRP A 955 -0.04 -6.22 -33.41
CA TRP A 955 1.31 -5.72 -33.21
C TRP A 955 1.86 -5.11 -34.49
N CYS A 956 1.49 -5.65 -35.65
CA CYS A 956 1.84 -4.99 -36.89
C CYS A 956 1.21 -3.60 -36.97
N TRP A 957 -0.03 -3.45 -36.49
CA TRP A 957 -0.60 -2.12 -36.36
C TRP A 957 0.27 -1.24 -35.49
N LEU A 958 0.79 -1.78 -34.39
CA LEU A 958 1.59 -0.98 -33.48
C LEU A 958 2.87 -0.51 -34.16
N ASP A 959 3.59 -1.43 -34.80
CA ASP A 959 4.79 -1.05 -35.53
C ASP A 959 4.49 -0.03 -36.61
N PHE A 960 3.36 -0.19 -37.30
CA PHE A 960 3.00 0.73 -38.38
C PHE A 960 2.74 2.12 -37.84
N LEU A 961 2.00 2.21 -36.74
CA LEU A 961 1.73 3.52 -36.14
C LEU A 961 3.02 4.19 -35.67
N ILE A 962 3.92 3.41 -35.07
CA ILE A 962 5.16 4.02 -34.58
C ILE A 962 6.03 4.50 -35.75
N VAL A 963 6.17 3.68 -36.79
CA VAL A 963 6.99 4.12 -37.91
C VAL A 963 6.33 5.28 -38.63
N ASP A 964 4.99 5.34 -38.57
CA ASP A 964 4.23 6.44 -39.15
C ASP A 964 4.56 7.76 -38.42
N VAL A 965 4.63 7.70 -37.09
CA VAL A 965 4.98 8.86 -36.29
C VAL A 965 6.41 9.30 -36.59
N SER A 966 7.35 8.34 -36.59
CA SER A 966 8.74 8.70 -36.85
C SER A 966 8.92 9.28 -38.25
N LEU A 967 8.22 8.73 -39.24
CA LEU A 967 8.37 9.19 -40.62
C LEU A 967 7.83 10.61 -40.79
N VAL A 968 6.67 10.89 -40.21
CA VAL A 968 6.14 12.24 -40.33
C VAL A 968 7.03 13.24 -39.59
N SER A 969 7.59 12.82 -38.46
CA SER A 969 8.53 13.69 -37.75
C SER A 969 9.76 13.97 -38.62
N LEU A 970 10.28 12.94 -39.28
CA LEU A 970 11.48 13.12 -40.09
C LEU A 970 11.21 14.01 -41.30
N VAL A 971 10.11 13.76 -42.01
CA VAL A 971 9.84 14.54 -43.22
C VAL A 971 9.46 15.98 -42.88
N ALA A 972 8.86 16.22 -41.71
CA ALA A 972 8.64 17.59 -41.30
C ALA A 972 9.92 18.24 -40.81
N ASN A 973 10.88 17.44 -40.33
CA ASN A 973 12.19 17.98 -40.00
C ASN A 973 12.90 18.46 -41.26
N THR A 974 12.98 17.61 -42.29
CA THR A 974 13.75 17.96 -43.47
C THR A 974 13.02 18.99 -44.34
N LEU A 975 11.74 18.75 -44.62
CA LEU A 975 11.00 19.60 -45.57
C LEU A 975 10.41 20.81 -44.84
N GLY A 976 11.27 21.47 -44.05
CA GLY A 976 10.90 22.68 -43.34
C GLY A 976 9.66 22.55 -42.46
N PHE A 977 9.25 23.71 -41.93
CA PHE A 977 8.04 23.82 -41.13
C PHE A 977 8.09 22.89 -39.91
N ALA A 978 9.12 23.07 -39.09
CA ALA A 978 9.28 22.26 -37.89
C ALA A 978 9.83 23.14 -36.77
N GLU A 979 10.10 22.49 -35.64
CA GLU A 979 10.68 23.15 -34.47
C GLU A 979 9.76 24.24 -33.92
N MET A 980 8.45 24.08 -34.08
CA MET A 980 7.47 25.03 -33.56
C MET A 980 6.16 24.31 -33.30
N GLY A 981 5.76 24.24 -32.02
CA GLY A 981 4.56 23.56 -31.60
C GLY A 981 4.50 22.15 -32.16
N PRO A 982 3.33 21.74 -32.65
CA PRO A 982 3.30 20.71 -33.69
C PRO A 982 3.81 21.31 -35.00
N ILE A 983 4.93 20.79 -35.49
CA ILE A 983 5.48 19.52 -35.05
C ILE A 983 6.73 19.76 -34.21
N LYS A 984 7.32 18.66 -33.70
CA LYS A 984 8.31 18.60 -32.63
C LYS A 984 7.62 18.67 -31.28
N SER A 985 6.31 18.91 -31.28
CA SER A 985 5.52 18.57 -30.10
C SER A 985 5.04 17.15 -30.13
N LEU A 986 5.33 16.44 -31.23
CA LEU A 986 5.01 15.03 -31.35
C LEU A 986 6.22 14.14 -31.12
N ARG A 987 7.44 14.64 -31.36
CA ARG A 987 8.63 13.81 -31.25
C ARG A 987 8.85 13.29 -29.83
N THR A 988 8.10 13.78 -28.84
CA THR A 988 8.14 13.13 -27.54
C THR A 988 7.36 11.82 -27.54
N LEU A 989 6.35 11.71 -28.39
CA LEU A 989 5.67 10.44 -28.58
C LEU A 989 6.59 9.39 -29.16
N ARG A 990 7.80 9.78 -29.55
CA ARG A 990 8.80 8.80 -29.99
C ARG A 990 9.18 7.87 -28.84
N ALA A 991 9.00 8.32 -27.60
CA ALA A 991 9.31 7.51 -26.44
C ALA A 991 8.49 6.24 -26.37
N LEU A 992 7.49 6.07 -27.24
CA LEU A 992 6.84 4.78 -27.39
C LEU A 992 7.72 3.77 -28.10
N ARG A 993 8.86 4.20 -28.62
CA ARG A 993 9.74 3.32 -29.38
C ARG A 993 10.01 1.98 -28.71
N PRO A 994 10.19 1.88 -27.39
CA PRO A 994 10.35 0.55 -26.79
C PRO A 994 9.19 -0.38 -27.04
N LEU A 995 8.00 0.16 -27.31
CA LEU A 995 6.81 -0.69 -27.43
C LEU A 995 6.94 -1.75 -28.50
N ARG A 996 7.91 -1.63 -29.41
CA ARG A 996 8.16 -2.72 -30.34
C ARG A 996 8.63 -3.97 -29.62
N ALA A 997 9.07 -3.85 -28.37
CA ALA A 997 9.61 -5.01 -27.68
C ALA A 997 8.54 -6.02 -27.30
N LEU A 998 7.31 -5.55 -27.06
CA LEU A 998 6.25 -6.47 -26.65
C LEU A 998 5.97 -7.51 -27.71
N SER A 999 6.28 -7.21 -28.97
CA SER A 999 5.84 -8.05 -30.07
C SER A 999 6.63 -9.35 -30.15
N ARG A 1000 7.95 -9.14 -30.24
CA ARG A 1000 8.99 -10.17 -30.31
C ARG A 1000 9.34 -11.03 -29.10
N PHE A 1001 9.42 -10.43 -27.92
CA PHE A 1001 9.83 -11.11 -26.70
C PHE A 1001 8.69 -11.99 -26.20
N GLU A 1002 8.94 -13.29 -26.11
CA GLU A 1002 7.86 -14.24 -25.90
C GLU A 1002 7.16 -14.07 -24.56
N GLY A 1003 7.79 -13.39 -23.61
CA GLY A 1003 7.21 -13.25 -22.28
C GLY A 1003 6.34 -12.03 -22.13
N MET A 1004 6.87 -10.87 -22.53
CA MET A 1004 6.04 -9.67 -22.58
C MET A 1004 4.79 -9.91 -23.40
N ARG A 1005 4.90 -10.68 -24.48
CA ARG A 1005 3.74 -10.92 -25.33
C ARG A 1005 2.67 -11.70 -24.60
N VAL A 1006 3.04 -12.78 -23.91
CA VAL A 1006 2.01 -13.57 -23.25
C VAL A 1006 1.41 -12.81 -22.09
N VAL A 1007 2.22 -12.05 -21.34
CA VAL A 1007 1.66 -11.31 -20.23
C VAL A 1007 0.74 -10.20 -20.73
N VAL A 1008 1.08 -9.58 -21.86
CA VAL A 1008 0.23 -8.54 -22.41
C VAL A 1008 -1.08 -9.12 -22.93
N ASN A 1009 -1.03 -10.29 -23.60
CA ASN A 1009 -2.26 -10.97 -23.96
C ASN A 1009 -3.11 -11.28 -22.74
N ALA A 1010 -2.47 -11.53 -21.59
CA ALA A 1010 -3.23 -11.74 -20.37
C ALA A 1010 -3.79 -10.44 -19.80
N LEU A 1011 -3.14 -9.31 -20.07
CA LEU A 1011 -3.62 -8.05 -19.51
C LEU A 1011 -4.75 -7.46 -20.34
N VAL A 1012 -4.51 -7.20 -21.63
CA VAL A 1012 -5.57 -6.66 -22.48
C VAL A 1012 -6.67 -7.68 -22.69
N GLY A 1013 -6.42 -8.94 -22.38
CA GLY A 1013 -7.49 -9.92 -22.29
C GLY A 1013 -8.38 -9.75 -21.08
N ALA A 1014 -8.31 -8.60 -20.42
CA ALA A 1014 -9.15 -8.31 -19.28
C ALA A 1014 -9.74 -6.91 -19.31
N ILE A 1015 -9.45 -6.12 -20.35
CA ILE A 1015 -9.98 -4.76 -20.41
C ILE A 1015 -11.51 -4.71 -20.36
N PRO A 1016 -12.26 -5.70 -20.84
CA PRO A 1016 -13.70 -5.68 -20.56
C PRO A 1016 -14.03 -5.57 -19.08
N SER A 1017 -13.55 -6.51 -18.26
CA SER A 1017 -13.87 -6.48 -16.84
C SER A 1017 -13.31 -5.23 -16.18
N ILE A 1018 -12.07 -4.86 -16.54
CA ILE A 1018 -11.45 -3.70 -15.92
C ILE A 1018 -12.25 -2.44 -16.22
N MET A 1019 -12.73 -2.29 -17.45
CA MET A 1019 -13.45 -1.08 -17.80
C MET A 1019 -14.84 -1.07 -17.18
N ASN A 1020 -15.49 -2.24 -17.10
CA ASN A 1020 -16.78 -2.29 -16.41
C ASN A 1020 -16.64 -1.85 -14.96
N VAL A 1021 -15.72 -2.46 -14.22
CA VAL A 1021 -15.59 -2.12 -12.80
C VAL A 1021 -15.05 -0.72 -12.63
N LEU A 1022 -14.29 -0.21 -13.60
CA LEU A 1022 -13.82 1.16 -13.49
C LEU A 1022 -14.95 2.14 -13.72
N LEU A 1023 -15.92 1.79 -14.57
CA LEU A 1023 -17.10 2.62 -14.70
C LEU A 1023 -17.93 2.58 -13.43
N VAL A 1024 -18.05 1.41 -12.81
CA VAL A 1024 -18.76 1.31 -11.53
C VAL A 1024 -18.12 2.23 -10.50
N CYS A 1025 -16.80 2.13 -10.35
CA CYS A 1025 -16.12 2.94 -9.36
C CYS A 1025 -16.12 4.41 -9.75
N LEU A 1026 -16.22 4.71 -11.04
CA LEU A 1026 -16.32 6.09 -11.46
C LEU A 1026 -17.67 6.68 -11.08
N ILE A 1027 -18.75 5.90 -11.21
CA ILE A 1027 -20.06 6.37 -10.76
C ILE A 1027 -20.05 6.57 -9.24
N PHE A 1028 -19.49 5.62 -8.51
CA PHE A 1028 -19.52 5.70 -7.06
C PHE A 1028 -18.69 6.88 -6.56
N TRP A 1029 -17.47 7.01 -7.04
CA TRP A 1029 -16.68 8.18 -6.72
C TRP A 1029 -17.28 9.45 -7.30
N LEU A 1030 -18.18 9.34 -8.28
CA LEU A 1030 -18.91 10.52 -8.73
C LEU A 1030 -19.89 10.99 -7.66
N ILE A 1031 -20.64 10.05 -7.08
CA ILE A 1031 -21.44 10.36 -5.90
C ILE A 1031 -20.60 11.07 -4.86
N PHE A 1032 -19.46 10.47 -4.53
CA PHE A 1032 -18.63 11.01 -3.45
C PHE A 1032 -18.04 12.36 -3.82
N SER A 1033 -17.67 12.54 -5.08
CA SER A 1033 -17.06 13.79 -5.48
C SER A 1033 -18.08 14.92 -5.50
N ILE A 1034 -19.32 14.63 -5.90
CA ILE A 1034 -20.34 15.67 -5.86
C ILE A 1034 -20.64 16.05 -4.41
N MET A 1035 -20.76 15.06 -3.53
CA MET A 1035 -20.87 15.36 -2.10
C MET A 1035 -19.71 16.24 -1.65
N GLY A 1036 -18.51 15.96 -2.17
CA GLY A 1036 -17.35 16.73 -1.77
C GLY A 1036 -17.36 18.14 -2.33
N VAL A 1037 -17.94 18.32 -3.51
CA VAL A 1037 -18.08 19.67 -4.06
C VAL A 1037 -19.04 20.49 -3.22
N ASN A 1038 -20.17 19.89 -2.85
CA ASN A 1038 -21.13 20.63 -2.03
C ASN A 1038 -20.54 20.96 -0.66
N LEU A 1039 -19.90 19.99 -0.01
CA LEU A 1039 -19.34 20.22 1.31
C LEU A 1039 -18.15 21.17 1.25
N PHE A 1040 -17.18 20.89 0.40
CA PHE A 1040 -15.98 21.69 0.21
C PHE A 1040 -15.97 22.27 -1.19
N ALA A 1041 -15.87 23.59 -1.28
CA ALA A 1041 -15.66 24.24 -2.56
C ALA A 1041 -15.18 25.65 -2.30
N GLY A 1042 -13.99 25.99 -2.77
CA GLY A 1042 -13.35 27.22 -2.39
C GLY A 1042 -13.01 27.30 -0.92
N LYS A 1043 -13.45 26.31 -0.15
CA LYS A 1043 -13.20 26.21 1.28
C LYS A 1043 -11.78 25.75 1.59
N PHE A 1044 -10.93 25.65 0.57
CA PHE A 1044 -9.61 25.08 0.71
C PHE A 1044 -8.49 26.10 0.58
N GLY A 1045 -8.74 27.25 -0.04
CA GLY A 1045 -7.65 28.18 -0.33
C GLY A 1045 -7.31 29.03 0.87
N ARG A 1046 -6.15 28.74 1.44
CA ARG A 1046 -5.62 29.35 2.65
C ARG A 1046 -5.23 30.82 2.70
N CYS A 1047 -4.61 31.33 1.65
CA CYS A 1047 -4.10 32.71 1.72
C CYS A 1047 -2.90 32.85 2.65
N ILE A 1048 -1.99 31.88 2.54
CA ILE A 1048 -0.73 31.81 3.28
C ILE A 1048 0.23 32.91 2.86
N ASN A 1049 0.92 33.53 3.81
CA ASN A 1049 1.86 34.63 3.49
C ASN A 1049 3.24 34.14 3.03
N GLN A 1050 3.91 34.97 2.25
CA GLN A 1050 5.14 34.59 1.53
C GLN A 1050 6.40 34.12 2.25
N THR A 1051 6.79 34.75 3.35
CA THR A 1051 8.01 34.33 4.00
C THR A 1051 7.99 32.90 4.60
N GLU A 1052 6.91 32.51 5.27
CA GLU A 1052 6.88 31.18 5.87
C GLU A 1052 6.24 30.01 5.10
N GLY A 1053 5.49 30.27 4.03
CA GLY A 1053 4.86 29.19 3.28
C GLY A 1053 3.89 28.33 4.07
N ASP A 1054 3.13 28.93 4.97
CA ASP A 1054 2.17 28.23 5.84
C ASP A 1054 0.84 28.99 5.92
N LEU A 1055 -0.10 28.47 6.70
CA LEU A 1055 -1.39 29.13 6.85
C LEU A 1055 -1.09 30.53 7.37
N PRO A 1056 -1.80 31.51 6.82
CA PRO A 1056 -1.58 32.93 7.13
C PRO A 1056 -0.83 33.26 8.42
N LEU A 1057 -1.53 33.50 9.50
CA LEU A 1057 -0.91 33.73 10.79
C LEU A 1057 -1.88 33.05 11.71
N ASN A 1058 -3.08 33.59 11.70
CA ASN A 1058 -4.24 33.15 12.45
C ASN A 1058 -5.49 33.64 11.70
N TYR A 1059 -6.66 33.17 12.13
CA TYR A 1059 -7.91 33.57 11.49
C TYR A 1059 -8.09 35.08 11.58
N THR A 1060 -7.74 35.68 12.73
CA THR A 1060 -7.87 37.10 12.96
C THR A 1060 -7.10 38.04 12.01
N ILE A 1061 -5.86 37.71 11.66
CA ILE A 1061 -5.05 38.58 10.78
C ILE A 1061 -5.59 38.77 9.36
N VAL A 1062 -6.08 37.67 8.83
CA VAL A 1062 -6.65 37.52 7.47
C VAL A 1062 -7.78 36.49 7.45
N ASN A 1063 -8.95 36.84 7.96
CA ASN A 1063 -10.06 35.89 7.97
C ASN A 1063 -10.65 35.43 6.63
N ASN A 1064 -10.72 36.33 5.67
CA ASN A 1064 -11.53 36.06 4.49
C ASN A 1064 -10.70 36.34 3.25
N LYS A 1065 -11.11 35.77 2.12
CA LYS A 1065 -10.46 36.13 0.87
C LYS A 1065 -10.64 37.61 0.56
N SER A 1066 -11.82 38.15 0.84
CA SER A 1066 -12.04 39.58 0.64
C SER A 1066 -11.21 40.44 1.57
N GLU A 1067 -10.54 39.84 2.55
CA GLU A 1067 -9.65 40.58 3.43
C GLU A 1067 -8.20 40.50 2.99
N CYS A 1068 -7.72 39.32 2.56
CA CYS A 1068 -6.37 39.23 2.04
C CYS A 1068 -6.21 40.04 0.76
N GLU A 1069 -7.30 40.20 0.00
CA GLU A 1069 -7.25 41.07 -1.17
C GLU A 1069 -7.26 42.53 -0.79
N SER A 1070 -7.61 42.85 0.46
CA SER A 1070 -7.45 44.22 0.94
C SER A 1070 -6.08 44.42 1.57
N PHE A 1071 -5.59 43.43 2.31
CA PHE A 1071 -4.32 43.51 3.00
C PHE A 1071 -3.12 43.21 2.10
N ASN A 1072 -3.33 42.95 0.82
CA ASN A 1072 -2.23 42.71 -0.10
C ASN A 1072 -1.62 44.00 -0.64
N VAL A 1073 -1.80 45.11 0.08
CA VAL A 1073 -1.19 46.38 -0.32
C VAL A 1073 0.30 46.20 -0.57
N THR A 1074 0.94 45.35 0.22
CA THR A 1074 2.26 44.83 -0.11
C THR A 1074 2.09 43.49 -0.81
N GLY A 1075 2.98 43.20 -1.74
CA GLY A 1075 2.84 42.01 -2.57
C GLY A 1075 3.17 40.73 -1.84
N GLU A 1076 3.02 40.74 -0.51
CA GLU A 1076 3.43 39.64 0.34
C GLU A 1076 2.40 38.52 0.40
N LEU A 1077 1.11 38.85 0.44
CA LEU A 1077 0.05 37.89 0.70
C LEU A 1077 -0.47 37.26 -0.58
N TYR A 1078 -0.66 35.95 -0.57
CA TYR A 1078 -1.24 35.22 -1.69
C TYR A 1078 -2.36 34.36 -1.14
N TRP A 1079 -3.49 34.33 -1.83
CA TRP A 1079 -4.58 33.41 -1.51
C TRP A 1079 -4.54 32.31 -2.55
N THR A 1080 -3.84 31.23 -2.26
CA THR A 1080 -3.68 30.16 -3.22
C THR A 1080 -4.17 28.85 -2.62
N LYS A 1081 -4.97 28.14 -3.40
CA LYS A 1081 -5.60 26.91 -2.98
C LYS A 1081 -4.55 25.82 -2.77
N VAL A 1082 -5.00 24.70 -2.20
CA VAL A 1082 -4.12 23.55 -2.14
C VAL A 1082 -4.16 22.82 -3.48
N LYS A 1083 -3.02 22.19 -3.81
CA LYS A 1083 -2.82 21.66 -5.15
C LYS A 1083 -3.95 20.72 -5.56
N VAL A 1084 -4.14 19.65 -4.80
CA VAL A 1084 -5.24 18.73 -5.01
C VAL A 1084 -6.35 19.11 -4.05
N ASN A 1085 -7.54 19.39 -4.59
CA ASN A 1085 -8.65 19.86 -3.78
C ASN A 1085 -9.96 19.45 -4.45
N PHE A 1086 -11.05 19.82 -3.81
CA PHE A 1086 -12.40 19.65 -4.35
C PHE A 1086 -12.86 21.02 -4.80
N ASP A 1087 -12.83 21.26 -6.10
CA ASP A 1087 -13.44 22.44 -6.70
C ASP A 1087 -14.27 22.10 -7.92
N ASN A 1088 -14.14 20.89 -8.46
CA ASN A 1088 -14.91 20.43 -9.58
C ASN A 1088 -15.27 18.98 -9.29
N VAL A 1089 -15.73 18.26 -10.30
CA VAL A 1089 -15.73 16.82 -10.18
C VAL A 1089 -14.45 16.22 -10.73
N GLY A 1090 -13.66 17.00 -11.46
CA GLY A 1090 -12.36 16.54 -11.89
C GLY A 1090 -11.37 16.49 -10.75
N ALA A 1091 -11.07 17.65 -10.17
CA ALA A 1091 -10.21 17.65 -9.01
C ALA A 1091 -10.83 16.85 -7.87
N GLY A 1092 -12.13 16.65 -7.90
CA GLY A 1092 -12.76 15.74 -6.95
C GLY A 1092 -12.34 14.31 -7.18
N TYR A 1093 -12.41 13.85 -8.44
CA TYR A 1093 -11.85 12.55 -8.77
C TYR A 1093 -10.39 12.44 -8.34
N LEU A 1094 -9.63 13.50 -8.53
CA LEU A 1094 -8.21 13.43 -8.20
C LEU A 1094 -7.99 13.30 -6.70
N ALA A 1095 -8.67 14.14 -5.91
CA ALA A 1095 -8.54 14.07 -4.46
C ALA A 1095 -9.05 12.76 -3.92
N LEU A 1096 -10.08 12.19 -4.54
CA LEU A 1096 -10.53 10.87 -4.12
C LEU A 1096 -9.50 9.81 -4.44
N LEU A 1097 -8.85 9.89 -5.60
CA LEU A 1097 -7.82 8.91 -5.90
C LEU A 1097 -6.69 8.99 -4.89
N GLN A 1098 -6.26 10.21 -4.57
CA GLN A 1098 -5.18 10.36 -3.60
C GLN A 1098 -5.60 9.83 -2.23
N VAL A 1099 -6.80 10.18 -1.76
CA VAL A 1099 -7.24 9.73 -0.45
C VAL A 1099 -7.41 8.22 -0.43
N ALA A 1100 -8.18 7.67 -1.37
CA ALA A 1100 -8.46 6.25 -1.37
C ALA A 1100 -7.25 5.40 -1.71
N THR A 1101 -6.16 6.01 -2.19
CA THR A 1101 -4.94 5.24 -2.36
C THR A 1101 -4.01 5.36 -1.16
N PHE A 1102 -4.31 6.28 -0.27
CA PHE A 1102 -3.63 6.55 1.01
C PHE A 1102 -2.38 7.34 0.92
N LYS A 1103 -1.99 7.75 -0.26
CA LYS A 1103 -0.77 8.51 -0.38
C LYS A 1103 -1.17 9.87 -0.76
N GLY A 1104 -0.75 10.86 0.00
CA GLY A 1104 -1.08 12.23 -0.27
C GLY A 1104 -2.32 12.73 0.41
N TRP A 1105 -3.03 11.86 1.13
CA TRP A 1105 -4.26 12.21 1.84
C TRP A 1105 -4.11 13.07 3.04
N MET A 1106 -2.92 13.21 3.58
CA MET A 1106 -2.77 14.04 4.75
C MET A 1106 -3.14 15.45 4.41
N ASP A 1107 -2.73 15.98 3.27
CA ASP A 1107 -3.07 17.35 2.92
C ASP A 1107 -4.53 17.59 2.65
N ILE A 1108 -5.22 16.64 2.03
CA ILE A 1108 -6.64 16.83 1.78
C ILE A 1108 -7.39 16.91 3.08
N MET A 1109 -7.13 15.98 3.98
CA MET A 1109 -7.82 15.94 5.25
C MET A 1109 -7.56 17.08 6.15
N TYR A 1110 -6.34 17.54 6.25
CA TYR A 1110 -6.03 18.67 7.10
C TYR A 1110 -6.74 19.91 6.60
N ALA A 1111 -6.74 20.11 5.30
CA ALA A 1111 -7.40 21.27 4.73
C ALA A 1111 -8.89 21.21 4.81
N ALA A 1112 -9.44 20.00 4.85
CA ALA A 1112 -10.89 19.80 4.88
C ALA A 1112 -11.44 19.87 6.30
N VAL A 1113 -10.68 19.38 7.29
CA VAL A 1113 -11.09 19.46 8.67
C VAL A 1113 -10.56 20.75 9.26
N ASP A 1114 -10.07 21.63 8.40
CA ASP A 1114 -9.89 23.02 8.77
C ASP A 1114 -10.89 23.94 8.08
N SER A 1115 -11.63 23.43 7.09
CA SER A 1115 -12.52 24.25 6.28
C SER A 1115 -13.58 24.91 7.15
N ARG A 1116 -13.48 26.21 7.32
CA ARG A 1116 -14.38 26.94 8.21
C ARG A 1116 -15.54 27.57 7.45
N GLY A 1117 -15.28 28.42 6.47
CA GLY A 1117 -16.34 29.11 5.76
C GLY A 1117 -16.42 28.72 4.30
N TYR A 1118 -16.91 29.63 3.46
CA TYR A 1118 -16.90 29.39 2.01
C TYR A 1118 -15.65 29.96 1.36
N GLU A 1119 -15.21 31.14 1.78
CA GLU A 1119 -13.92 31.66 1.36
C GLU A 1119 -13.16 32.23 2.53
N GLU A 1120 -13.48 31.77 3.73
CA GLU A 1120 -12.83 32.25 4.95
C GLU A 1120 -11.62 31.41 5.27
N GLN A 1121 -10.67 32.03 5.97
CA GLN A 1121 -9.48 31.32 6.39
C GLN A 1121 -9.86 30.13 7.26
N PRO A 1122 -9.10 29.04 7.21
CA PRO A 1122 -9.43 27.84 8.00
C PRO A 1122 -8.77 27.89 9.37
N GLN A 1123 -9.57 27.80 10.43
CA GLN A 1123 -9.01 27.59 11.75
C GLN A 1123 -8.53 26.15 11.90
N TRP A 1124 -7.81 25.90 13.00
CA TRP A 1124 -6.96 24.73 13.05
C TRP A 1124 -7.76 23.43 13.15
N GLU A 1125 -8.97 23.46 13.70
CA GLU A 1125 -9.77 22.25 13.75
C GLU A 1125 -11.26 22.44 13.52
N ASP A 1126 -11.72 23.65 13.18
CA ASP A 1126 -13.14 23.85 12.94
C ASP A 1126 -13.63 22.86 11.90
N ASN A 1127 -14.94 22.61 11.88
CA ASN A 1127 -15.51 21.58 11.02
C ASN A 1127 -14.90 20.22 11.30
N LEU A 1128 -14.42 20.05 12.53
CA LEU A 1128 -13.65 18.87 12.93
C LEU A 1128 -14.27 17.57 12.48
N TYR A 1129 -15.58 17.41 12.65
CA TYR A 1129 -16.18 16.11 12.45
C TYR A 1129 -16.35 15.75 10.99
N MET A 1130 -15.70 16.50 10.11
CA MET A 1130 -15.71 16.13 8.71
C MET A 1130 -14.91 14.84 8.61
N TYR A 1131 -13.80 14.80 9.31
CA TYR A 1131 -13.01 13.58 9.22
C TYR A 1131 -13.90 12.38 8.97
N ILE A 1132 -15.16 12.42 9.43
CA ILE A 1132 -16.05 11.30 9.20
C ILE A 1132 -16.36 11.16 7.72
N TYR A 1133 -16.29 12.26 6.96
CA TYR A 1133 -16.49 12.14 5.52
C TYR A 1133 -15.42 11.26 4.91
N PHE A 1134 -14.16 11.54 5.21
CA PHE A 1134 -13.08 10.73 4.68
C PHE A 1134 -13.08 9.33 5.28
N VAL A 1135 -13.56 9.18 6.51
CA VAL A 1135 -13.64 7.83 7.08
C VAL A 1135 -14.66 7.00 6.31
N VAL A 1136 -15.86 7.54 6.13
CA VAL A 1136 -16.91 6.82 5.41
C VAL A 1136 -16.48 6.57 3.98
N PHE A 1137 -15.85 7.56 3.35
CA PHE A 1137 -15.36 7.31 2.00
C PHE A 1137 -14.34 6.20 2.04
N ILE A 1138 -13.19 6.42 2.67
CA ILE A 1138 -12.08 5.47 2.68
C ILE A 1138 -12.61 4.07 2.86
N ILE A 1139 -13.55 3.86 3.77
CA ILE A 1139 -14.19 2.55 3.87
C ILE A 1139 -14.86 2.20 2.54
N PHE A 1140 -15.88 2.97 2.15
CA PHE A 1140 -16.75 2.58 1.04
C PHE A 1140 -16.06 2.66 -0.33
N GLY A 1141 -14.85 3.22 -0.38
CA GLY A 1141 -14.19 3.51 -1.63
C GLY A 1141 -12.85 2.85 -1.75
N SER A 1142 -12.33 2.31 -0.68
CA SER A 1142 -11.11 1.54 -0.78
C SER A 1142 -11.26 0.13 -0.25
N PHE A 1143 -12.00 -0.06 0.84
CA PHE A 1143 -12.22 -1.42 1.28
C PHE A 1143 -13.33 -2.09 0.50
N PHE A 1144 -14.05 -1.34 -0.33
CA PHE A 1144 -15.13 -1.90 -1.14
C PHE A 1144 -14.88 -1.78 -2.63
N THR A 1145 -14.51 -0.59 -3.13
CA THR A 1145 -14.23 -0.49 -4.56
C THR A 1145 -13.00 -1.30 -4.93
N LEU A 1146 -11.92 -1.16 -4.16
CA LEU A 1146 -10.73 -1.95 -4.46
C LEU A 1146 -10.99 -3.43 -4.20
N ASN A 1147 -11.95 -3.74 -3.34
CA ASN A 1147 -12.36 -5.13 -3.18
C ASN A 1147 -13.05 -5.62 -4.44
N LEU A 1148 -13.90 -4.78 -5.04
CA LEU A 1148 -14.51 -5.11 -6.32
C LEU A 1148 -13.45 -5.34 -7.40
N PHE A 1149 -12.51 -4.40 -7.52
CA PHE A 1149 -11.51 -4.53 -8.58
C PHE A 1149 -10.76 -5.79 -8.40
N ILE A 1150 -10.28 -6.02 -7.19
CA ILE A 1150 -9.48 -7.19 -6.96
C ILE A 1150 -10.29 -8.43 -7.18
N GLY A 1151 -11.49 -8.47 -6.64
CA GLY A 1151 -12.27 -9.68 -6.80
C GLY A 1151 -12.59 -9.98 -8.23
N VAL A 1152 -13.08 -9.00 -8.97
CA VAL A 1152 -13.42 -9.27 -10.36
C VAL A 1152 -12.19 -9.63 -11.16
N ILE A 1153 -11.10 -8.93 -10.94
CA ILE A 1153 -9.89 -9.17 -11.71
C ILE A 1153 -9.38 -10.56 -11.47
N ILE A 1154 -9.37 -10.98 -10.22
CA ILE A 1154 -8.89 -12.30 -9.88
C ILE A 1154 -9.79 -13.35 -10.47
N ASP A 1155 -11.09 -13.10 -10.45
CA ASP A 1155 -12.06 -14.03 -11.02
C ASP A 1155 -11.82 -14.15 -12.51
N ASN A 1156 -11.55 -13.04 -13.17
CA ASN A 1156 -11.27 -13.01 -14.58
C ASN A 1156 -10.03 -13.83 -14.87
N PHE A 1157 -8.97 -13.69 -14.08
CA PHE A 1157 -7.77 -14.48 -14.34
C PHE A 1157 -8.08 -15.95 -14.14
N ASN A 1158 -8.86 -16.29 -13.13
CA ASN A 1158 -9.19 -17.69 -12.90
C ASN A 1158 -9.98 -18.24 -14.08
N GLN A 1159 -10.92 -17.44 -14.60
CA GLN A 1159 -11.70 -17.85 -15.74
C GLN A 1159 -10.81 -18.06 -16.93
N GLN A 1160 -9.83 -17.19 -17.14
CA GLN A 1160 -8.93 -17.35 -18.27
C GLN A 1160 -8.16 -18.65 -18.13
N LYS A 1161 -7.70 -18.95 -16.91
CA LYS A 1161 -6.97 -20.19 -16.72
C LYS A 1161 -7.86 -21.37 -17.05
N LYS A 1162 -9.11 -21.34 -16.58
CA LYS A 1162 -10.01 -22.45 -16.87
C LYS A 1162 -10.25 -22.60 -18.37
N LYS A 1163 -10.43 -21.48 -19.06
CA LYS A 1163 -10.68 -21.52 -20.48
C LYS A 1163 -9.49 -22.09 -21.24
N LEU A 1164 -8.28 -21.72 -20.84
CA LEU A 1164 -7.10 -22.20 -21.54
C LEU A 1164 -6.96 -23.67 -21.27
N GLY A 1165 -7.72 -24.16 -20.30
CA GLY A 1165 -7.65 -25.55 -19.92
C GLY A 1165 -6.27 -25.96 -19.48
N GLY A 1166 -5.27 -25.18 -19.87
CA GLY A 1166 -3.90 -25.39 -19.45
C GLY A 1166 -3.78 -25.09 -17.96
N GLN A 1167 -4.50 -24.02 -17.57
CA GLN A 1167 -4.62 -23.46 -16.22
C GLN A 1167 -3.40 -22.68 -15.76
N ASP A 1168 -2.49 -22.40 -16.69
CA ASP A 1168 -1.29 -21.64 -16.38
C ASP A 1168 -1.17 -20.45 -17.30
N ILE A 1169 -0.92 -19.29 -16.71
CA ILE A 1169 -0.73 -18.06 -17.46
C ILE A 1169 0.55 -17.38 -17.00
N PHE A 1170 1.03 -16.46 -17.84
CA PHE A 1170 2.25 -15.64 -17.71
C PHE A 1170 3.55 -16.40 -18.00
N MET A 1171 3.41 -17.64 -18.47
CA MET A 1171 4.53 -18.51 -18.77
C MET A 1171 4.43 -19.02 -20.18
N THR A 1172 5.53 -18.91 -20.90
CA THR A 1172 5.63 -19.36 -22.28
C THR A 1172 5.83 -20.88 -22.30
N GLU A 1173 6.10 -21.41 -23.50
CA GLU A 1173 6.24 -22.85 -23.65
C GLU A 1173 7.48 -23.36 -22.91
N GLU A 1174 8.64 -22.76 -23.18
CA GLU A 1174 9.85 -23.14 -22.46
C GLU A 1174 9.68 -22.92 -20.97
N GLN A 1175 8.94 -21.88 -20.57
CA GLN A 1175 8.66 -21.67 -19.16
C GLN A 1175 7.81 -22.78 -18.60
N LYS A 1176 6.88 -23.32 -19.40
CA LYS A 1176 6.11 -24.47 -18.95
C LYS A 1176 7.01 -25.69 -18.76
N LYS A 1177 8.00 -25.85 -19.65
CA LYS A 1177 8.97 -26.93 -19.46
C LYS A 1177 9.73 -26.76 -18.15
N TYR A 1178 10.27 -25.56 -17.92
CA TYR A 1178 10.93 -25.27 -16.65
C TYR A 1178 10.02 -25.56 -15.48
N TYR A 1179 8.76 -25.15 -15.57
CA TYR A 1179 7.81 -25.31 -14.47
C TYR A 1179 7.58 -26.78 -14.16
N ASN A 1180 7.34 -27.59 -15.19
CA ASN A 1180 7.08 -29.01 -14.95
C ASN A 1180 8.32 -29.71 -14.41
N ALA A 1181 9.50 -29.36 -14.91
CA ALA A 1181 10.71 -29.97 -14.40
C ALA A 1181 10.95 -29.58 -12.94
N MET A 1182 10.71 -28.32 -12.60
CA MET A 1182 10.89 -27.89 -11.21
C MET A 1182 9.85 -28.52 -10.30
N LYS A 1183 8.66 -28.80 -10.83
CA LYS A 1183 7.67 -29.53 -10.03
C LYS A 1183 8.12 -30.97 -9.80
N LYS A 1184 8.71 -31.60 -10.82
CA LYS A 1184 9.28 -32.93 -10.65
C LYS A 1184 10.43 -32.91 -9.66
N LEU A 1185 11.13 -31.78 -9.55
CA LEU A 1185 12.28 -31.67 -8.66
C LEU A 1185 11.97 -32.08 -7.23
N GLY A 1186 10.71 -32.00 -6.82
CA GLY A 1186 10.33 -32.45 -5.49
C GLY A 1186 10.12 -33.96 -5.41
N SER A 1187 11.10 -34.74 -5.84
CA SER A 1187 11.01 -36.19 -5.76
C SER A 1187 11.21 -36.65 -4.32
N LYS A 1188 10.36 -37.57 -3.88
CA LYS A 1188 10.31 -37.94 -2.47
C LYS A 1188 11.14 -39.19 -2.18
N LYS A 1189 11.14 -40.15 -3.08
CA LYS A 1189 11.85 -41.41 -2.84
C LYS A 1189 13.35 -41.19 -2.97
N PRO A 1190 14.15 -41.49 -1.94
CA PRO A 1190 15.60 -41.35 -2.07
C PRO A 1190 16.25 -42.54 -2.76
N GLN A 1191 17.56 -42.47 -2.95
CA GLN A 1191 18.33 -43.56 -3.52
C GLN A 1191 18.59 -44.62 -2.45
N LYS A 1192 19.58 -45.47 -2.71
CA LYS A 1192 20.06 -46.38 -1.67
C LYS A 1192 20.24 -45.61 -0.37
N PRO A 1193 19.54 -45.99 0.71
CA PRO A 1193 19.38 -45.10 1.87
C PRO A 1193 20.71 -44.57 2.38
N ILE A 1194 21.61 -45.47 2.76
CA ILE A 1194 22.99 -45.09 3.10
C ILE A 1194 23.84 -46.36 3.17
N PRO A 1195 25.05 -46.33 2.63
CA PRO A 1195 25.95 -47.48 2.77
C PRO A 1195 26.80 -47.40 4.03
N ARG A 1196 26.75 -48.48 4.80
CA ARG A 1196 27.64 -48.61 5.94
C ARG A 1196 29.06 -48.82 5.43
N PRO A 1197 30.04 -48.10 5.97
CA PRO A 1197 31.35 -48.00 5.29
C PRO A 1197 32.18 -49.28 5.31
N LEU A 1198 31.72 -50.35 5.95
CA LEU A 1198 32.44 -51.60 6.14
C LEU A 1198 33.71 -51.43 6.97
N ASN A 1199 33.99 -50.22 7.45
CA ASN A 1199 35.20 -49.97 8.23
C ASN A 1199 34.83 -49.79 9.70
N LYS A 1200 35.80 -50.05 10.58
CA LYS A 1200 35.54 -49.99 12.00
C LYS A 1200 35.37 -48.56 12.49
N TYR A 1201 36.43 -47.75 12.36
CA TYR A 1201 36.37 -46.38 12.86
C TYR A 1201 35.44 -45.52 12.00
N GLN A 1202 35.48 -45.72 10.68
CA GLN A 1202 34.51 -45.06 9.82
C GLN A 1202 33.09 -45.45 10.22
N GLY A 1203 32.88 -46.70 10.61
CA GLY A 1203 31.56 -47.13 11.05
C GLY A 1203 31.13 -46.45 12.34
N PHE A 1204 32.04 -46.37 13.32
CA PHE A 1204 31.72 -45.70 14.57
C PHE A 1204 31.36 -44.24 14.33
N ILE A 1205 32.19 -43.53 13.56
CA ILE A 1205 31.95 -42.11 13.33
C ILE A 1205 30.69 -41.90 12.50
N PHE A 1206 30.46 -42.78 11.52
CA PHE A 1206 29.27 -42.68 10.70
C PHE A 1206 28.02 -42.87 11.54
N ASP A 1207 28.09 -43.79 12.51
CA ASP A 1207 26.97 -43.93 13.44
C ASP A 1207 26.80 -42.68 14.28
N ILE A 1208 27.90 -42.08 14.73
CA ILE A 1208 27.77 -40.92 15.60
C ILE A 1208 27.29 -39.69 14.83
N VAL A 1209 27.34 -39.71 13.50
CA VAL A 1209 26.88 -38.55 12.75
C VAL A 1209 25.55 -38.77 12.04
N THR A 1210 25.23 -40.00 11.64
CA THR A 1210 24.00 -40.22 10.91
C THR A 1210 22.76 -40.14 11.81
N LYS A 1211 22.94 -40.21 13.13
CA LYS A 1211 21.83 -40.09 14.06
C LYS A 1211 21.12 -38.76 13.87
N GLN A 1212 19.79 -38.82 13.92
CA GLN A 1212 18.97 -37.61 13.81
C GLN A 1212 19.28 -36.61 14.91
N ALA A 1213 20.01 -37.01 15.95
CA ALA A 1213 20.40 -36.07 16.99
C ALA A 1213 21.48 -35.12 16.48
N PHE A 1214 22.43 -35.64 15.71
CA PHE A 1214 23.55 -34.84 15.22
C PHE A 1214 23.07 -33.62 14.45
N ASP A 1215 22.05 -33.78 13.61
CA ASP A 1215 21.50 -32.66 12.87
C ASP A 1215 20.95 -31.59 13.82
N VAL A 1216 20.28 -32.02 14.89
CA VAL A 1216 19.73 -31.06 15.84
C VAL A 1216 20.83 -30.34 16.59
N THR A 1217 21.90 -31.06 16.93
CA THR A 1217 23.06 -30.41 17.56
C THR A 1217 23.63 -29.33 16.66
N ILE A 1218 23.92 -29.68 15.40
CA ILE A 1218 24.44 -28.69 14.47
C ILE A 1218 23.46 -27.55 14.27
N MET A 1219 22.16 -27.84 14.31
CA MET A 1219 21.17 -26.80 14.13
C MET A 1219 21.19 -25.81 15.28
N PHE A 1220 21.28 -26.31 16.52
CA PHE A 1220 21.35 -25.38 17.64
C PHE A 1220 22.66 -24.59 17.61
N LEU A 1221 23.75 -25.24 17.21
CA LEU A 1221 25.01 -24.51 17.10
C LEU A 1221 24.91 -23.40 16.07
N ILE A 1222 24.20 -23.63 14.97
CA ILE A 1222 24.14 -22.61 13.93
C ILE A 1222 23.14 -21.51 14.30
N CYS A 1223 22.09 -21.83 15.06
CA CYS A 1223 21.24 -20.76 15.59
C CYS A 1223 22.01 -19.92 16.59
N LEU A 1224 22.89 -20.54 17.38
CA LEU A 1224 23.76 -19.77 18.26
C LEU A 1224 24.71 -18.90 17.46
N ASN A 1225 25.18 -19.39 16.31
CA ASN A 1225 25.97 -18.56 15.43
C ASN A 1225 25.16 -17.36 14.94
N MET A 1226 23.92 -17.61 14.55
CA MET A 1226 23.01 -16.52 14.17
C MET A 1226 22.94 -15.47 15.26
N VAL A 1227 22.71 -15.92 16.51
CA VAL A 1227 22.64 -14.99 17.62
C VAL A 1227 23.96 -14.27 17.82
N THR A 1228 25.08 -14.93 17.55
CA THR A 1228 26.37 -14.26 17.57
C THR A 1228 26.41 -13.13 16.55
N MET A 1229 25.84 -13.38 15.39
CA MET A 1229 25.82 -12.39 14.32
C MET A 1229 24.79 -11.30 14.54
N MET A 1230 23.85 -11.49 15.46
CA MET A 1230 22.86 -10.47 15.71
C MET A 1230 23.35 -9.36 16.63
N VAL A 1231 24.48 -9.56 17.31
CA VAL A 1231 24.83 -8.69 18.43
C VAL A 1231 25.90 -7.67 18.10
N GLU A 1232 26.22 -7.45 16.84
CA GLU A 1232 27.19 -6.41 16.52
C GLU A 1232 26.47 -5.12 16.14
N THR A 1233 27.08 -4.00 16.54
CA THR A 1233 26.56 -2.68 16.21
C THR A 1233 27.68 -1.88 15.56
N ASP A 1234 27.47 -0.59 15.34
CA ASP A 1234 28.55 0.24 14.82
C ASP A 1234 29.41 0.75 15.97
N ASP A 1235 30.70 0.93 15.69
CA ASP A 1235 31.66 1.46 16.66
C ASP A 1235 31.47 0.83 18.04
N GLN A 1236 31.35 -0.50 18.05
CA GLN A 1236 31.02 -1.20 19.28
C GLN A 1236 32.12 -1.03 20.33
N SER A 1237 33.27 -1.67 20.11
CA SER A 1237 34.50 -1.50 20.90
C SER A 1237 35.56 -2.43 20.34
N PRO A 1238 36.85 -2.11 20.48
CA PRO A 1238 37.88 -3.00 19.92
C PRO A 1238 37.90 -4.38 20.55
N GLU A 1239 37.82 -4.45 21.88
CA GLU A 1239 37.78 -5.74 22.54
C GLU A 1239 36.59 -6.57 22.08
N LYS A 1240 35.46 -5.91 21.79
CA LYS A 1240 34.30 -6.64 21.29
C LYS A 1240 34.58 -7.21 19.91
N VAL A 1241 35.24 -6.44 19.05
CA VAL A 1241 35.63 -6.97 17.74
C VAL A 1241 36.50 -8.20 17.92
N ASN A 1242 37.42 -8.15 18.89
CA ASN A 1242 38.30 -9.30 19.12
C ASN A 1242 37.51 -10.53 19.58
N ILE A 1243 36.64 -10.35 20.56
CA ILE A 1243 35.84 -11.48 21.06
C ILE A 1243 35.01 -12.06 19.93
N LEU A 1244 34.35 -11.20 19.15
CA LEU A 1244 33.48 -11.67 18.09
C LEU A 1244 34.27 -12.37 16.99
N ALA A 1245 35.49 -11.89 16.71
CA ALA A 1245 36.32 -12.56 15.71
C ALA A 1245 36.75 -13.94 16.18
N LYS A 1246 37.13 -14.06 17.46
CA LYS A 1246 37.49 -15.37 17.99
C LYS A 1246 36.30 -16.32 17.95
N ILE A 1247 35.10 -15.81 18.26
CA ILE A 1247 33.92 -16.66 18.18
C ILE A 1247 33.63 -17.05 16.74
N ASN A 1248 33.90 -16.15 15.80
CA ASN A 1248 33.73 -16.48 14.39
C ASN A 1248 34.67 -17.61 13.98
N LEU A 1249 35.93 -17.52 14.40
CA LEU A 1249 36.89 -18.59 14.14
C LEU A 1249 36.42 -19.89 14.78
N LEU A 1250 35.86 -19.81 15.99
CA LEU A 1250 35.40 -21.01 16.68
C LEU A 1250 34.27 -21.68 15.92
N PHE A 1251 33.31 -20.89 15.44
CA PHE A 1251 32.19 -21.47 14.72
C PHE A 1251 32.60 -22.00 13.36
N VAL A 1252 33.51 -21.29 12.68
CA VAL A 1252 33.99 -21.81 11.40
C VAL A 1252 34.79 -23.08 11.61
N ALA A 1253 35.45 -23.22 12.77
CA ALA A 1253 36.13 -24.47 13.08
C ALA A 1253 35.14 -25.58 13.33
N ILE A 1254 34.07 -25.31 14.08
CA ILE A 1254 33.05 -26.32 14.29
C ILE A 1254 32.47 -26.78 12.96
N PHE A 1255 32.23 -25.83 12.05
CA PHE A 1255 31.59 -26.19 10.79
C PHE A 1255 32.57 -26.91 9.87
N THR A 1256 33.85 -26.53 9.91
CA THR A 1256 34.86 -27.30 9.20
C THR A 1256 34.91 -28.73 9.72
N GLY A 1257 34.77 -28.91 11.03
CA GLY A 1257 34.76 -30.25 11.58
C GLY A 1257 33.55 -31.05 11.12
N GLU A 1258 32.38 -30.45 11.18
CA GLU A 1258 31.18 -31.09 10.66
C GLU A 1258 31.38 -31.48 9.20
N CYS A 1259 32.03 -30.60 8.44
CA CYS A 1259 32.25 -30.84 7.01
C CYS A 1259 33.18 -32.03 6.80
N ILE A 1260 34.32 -32.06 7.49
CA ILE A 1260 35.27 -33.14 7.26
C ILE A 1260 34.69 -34.46 7.71
N VAL A 1261 33.98 -34.47 8.84
CA VAL A 1261 33.38 -35.72 9.30
C VAL A 1261 32.30 -36.18 8.31
N LYS A 1262 31.48 -35.25 7.82
CA LYS A 1262 30.45 -35.63 6.86
C LYS A 1262 31.07 -36.19 5.57
N MET A 1263 32.12 -35.54 5.06
CA MET A 1263 32.79 -36.10 3.89
C MET A 1263 33.38 -37.47 4.20
N ALA A 1264 33.80 -37.69 5.45
CA ALA A 1264 34.25 -39.00 5.88
C ALA A 1264 33.11 -39.85 6.43
N ALA A 1265 31.86 -39.55 6.07
CA ALA A 1265 30.76 -40.43 6.46
C ALA A 1265 30.98 -41.82 5.87
N LEU A 1266 30.84 -41.97 4.55
CA LEU A 1266 31.48 -43.11 3.87
C LEU A 1266 32.38 -42.65 2.74
N ARG A 1267 31.83 -42.14 1.64
CA ARG A 1267 32.65 -41.55 0.58
C ARG A 1267 31.95 -40.38 -0.09
N HIS A 1268 30.61 -40.36 -0.04
CA HIS A 1268 29.84 -39.50 -0.94
C HIS A 1268 28.78 -38.67 -0.24
N TYR A 1269 28.90 -38.42 1.07
CA TYR A 1269 27.91 -37.59 1.73
C TYR A 1269 27.96 -36.15 1.25
N TYR A 1270 29.10 -35.71 0.75
CA TYR A 1270 29.17 -34.33 0.30
C TYR A 1270 28.87 -34.18 -1.17
N PHE A 1271 28.30 -35.24 -1.72
CA PHE A 1271 27.85 -35.19 -3.10
C PHE A 1271 26.49 -35.82 -3.32
N THR A 1272 25.96 -36.53 -2.33
CA THR A 1272 24.69 -37.23 -2.54
C THR A 1272 23.53 -36.28 -2.78
N ASN A 1273 23.40 -35.23 -1.97
CA ASN A 1273 22.22 -34.37 -1.99
C ASN A 1273 22.63 -32.90 -2.07
N SER A 1274 21.74 -32.11 -2.68
CA SER A 1274 22.03 -30.69 -2.92
C SER A 1274 22.29 -29.92 -1.64
N TRP A 1275 21.56 -30.25 -0.57
CA TRP A 1275 21.80 -29.57 0.70
C TRP A 1275 23.21 -29.79 1.17
N ASN A 1276 23.76 -30.99 0.92
CA ASN A 1276 25.10 -31.29 1.39
C ASN A 1276 26.16 -30.52 0.60
N ILE A 1277 25.97 -30.37 -0.71
CA ILE A 1277 26.94 -29.59 -1.47
C ILE A 1277 26.82 -28.11 -1.11
N PHE A 1278 25.62 -27.66 -0.74
CA PHE A 1278 25.49 -26.30 -0.23
C PHE A 1278 26.27 -26.13 1.07
N ASP A 1279 26.11 -27.09 1.99
CA ASP A 1279 26.91 -27.08 3.22
C ASP A 1279 28.39 -26.99 2.90
N PHE A 1280 28.83 -27.81 1.95
CA PHE A 1280 30.25 -27.88 1.60
C PHE A 1280 30.75 -26.55 1.06
N VAL A 1281 30.03 -25.94 0.13
CA VAL A 1281 30.50 -24.70 -0.47
C VAL A 1281 30.48 -23.58 0.55
N VAL A 1282 29.49 -23.56 1.45
CA VAL A 1282 29.51 -22.50 2.46
C VAL A 1282 30.68 -22.71 3.43
N VAL A 1283 31.01 -23.96 3.76
CA VAL A 1283 32.16 -24.21 4.62
C VAL A 1283 33.44 -23.71 3.95
N ILE A 1284 33.61 -24.05 2.67
CA ILE A 1284 34.81 -23.62 1.94
C ILE A 1284 34.88 -22.11 1.91
N LEU A 1285 33.77 -21.45 1.58
CA LEU A 1285 33.78 -20.00 1.47
C LEU A 1285 34.01 -19.34 2.82
N SER A 1286 33.57 -19.97 3.91
CA SER A 1286 33.83 -19.40 5.23
C SER A 1286 35.30 -19.53 5.59
N ILE A 1287 35.91 -20.68 5.29
CA ILE A 1287 37.34 -20.83 5.49
C ILE A 1287 38.08 -19.74 4.72
N VAL A 1288 37.75 -19.57 3.44
CA VAL A 1288 38.41 -18.55 2.63
C VAL A 1288 38.17 -17.16 3.24
N GLY A 1289 36.95 -16.90 3.70
CA GLY A 1289 36.66 -15.61 4.28
C GLY A 1289 37.54 -15.31 5.48
N THR A 1290 37.72 -16.29 6.35
CA THR A 1290 38.61 -16.09 7.50
C THR A 1290 40.05 -15.86 7.06
N VAL A 1291 40.54 -16.69 6.14
CA VAL A 1291 41.96 -16.62 5.77
C VAL A 1291 42.26 -15.36 4.98
N LEU A 1292 41.24 -14.74 4.38
CA LEU A 1292 41.47 -13.44 3.77
C LEU A 1292 41.29 -12.31 4.76
N SER A 1293 40.36 -12.45 5.72
CA SER A 1293 40.12 -11.38 6.67
C SER A 1293 41.28 -11.21 7.65
N ASP A 1294 42.04 -12.27 7.94
CA ASP A 1294 43.15 -12.09 8.86
C ASP A 1294 44.38 -11.53 8.14
N ILE A 1295 44.45 -11.68 6.82
CA ILE A 1295 45.59 -11.20 6.05
C ILE A 1295 45.34 -9.86 5.38
N ILE A 1296 44.36 -9.10 5.86
CA ILE A 1296 44.03 -7.82 5.24
C ILE A 1296 45.22 -6.86 5.37
N GLN A 1297 45.92 -6.91 6.51
CA GLN A 1297 46.99 -5.94 6.76
C GLN A 1297 48.20 -6.17 5.87
N LYS A 1298 48.46 -7.40 5.45
CA LYS A 1298 49.67 -7.70 4.67
C LYS A 1298 49.63 -7.06 3.30
N TYR A 1299 48.66 -7.45 2.46
CA TYR A 1299 48.65 -7.04 1.07
C TYR A 1299 47.99 -5.68 0.87
N PHE A 1300 46.71 -5.55 1.25
CA PHE A 1300 45.99 -4.30 1.05
C PHE A 1300 44.75 -4.28 1.91
N PHE A 1301 44.36 -3.08 2.36
CA PHE A 1301 43.16 -2.89 3.17
C PHE A 1301 42.25 -1.89 2.47
N SER A 1302 40.94 -2.15 2.54
CA SER A 1302 39.93 -1.36 1.87
C SER A 1302 38.75 -1.16 2.82
N PRO A 1303 37.99 -0.08 2.64
CA PRO A 1303 36.85 0.16 3.52
C PRO A 1303 35.63 -0.67 3.17
N THR A 1304 35.39 -0.87 1.87
CA THR A 1304 34.16 -1.51 1.43
C THR A 1304 34.38 -2.93 0.90
N LEU A 1305 35.56 -3.24 0.37
CA LEU A 1305 35.81 -4.60 -0.09
C LEU A 1305 35.86 -5.59 1.06
N PHE A 1306 35.99 -5.10 2.30
CA PHE A 1306 35.89 -5.97 3.46
C PHE A 1306 34.44 -6.31 3.79
N ARG A 1307 33.51 -5.40 3.49
CA ARG A 1307 32.11 -5.66 3.83
C ARG A 1307 31.54 -6.80 3.01
N VAL A 1308 32.02 -7.01 1.79
CA VAL A 1308 31.45 -8.09 0.98
C VAL A 1308 31.92 -9.44 1.48
N ILE A 1309 33.16 -9.53 1.96
CA ILE A 1309 33.63 -10.79 2.53
C ILE A 1309 33.04 -10.98 3.92
N ARG A 1310 32.67 -9.88 4.57
CA ARG A 1310 31.95 -9.98 5.83
C ARG A 1310 30.51 -10.44 5.64
N LEU A 1311 29.89 -10.08 4.53
CA LEU A 1311 28.48 -10.35 4.31
C LEU A 1311 28.20 -11.78 3.90
N ALA A 1312 29.14 -12.44 3.23
CA ALA A 1312 28.92 -13.83 2.86
C ALA A 1312 28.77 -14.74 4.07
N ARG A 1313 28.91 -14.21 5.28
CA ARG A 1313 28.64 -15.01 6.47
C ARG A 1313 27.16 -15.35 6.57
N ILE A 1314 26.30 -14.54 5.96
CA ILE A 1314 24.87 -14.83 5.95
C ILE A 1314 24.61 -16.20 5.35
N GLY A 1315 25.52 -16.70 4.53
CA GLY A 1315 25.34 -18.02 3.96
C GLY A 1315 25.09 -19.09 4.99
N ARG A 1316 25.81 -19.04 6.11
CA ARG A 1316 25.61 -20.05 7.16
C ARG A 1316 24.16 -20.05 7.61
N ILE A 1317 23.58 -18.88 7.86
CA ILE A 1317 22.18 -18.78 8.27
C ILE A 1317 21.28 -19.54 7.32
N LEU A 1318 21.52 -19.41 6.01
CA LEU A 1318 20.66 -20.08 5.05
C LEU A 1318 20.71 -21.60 5.17
N ARG A 1319 21.59 -22.16 6.00
CA ARG A 1319 21.51 -23.59 6.27
C ARG A 1319 20.19 -23.96 6.91
N LEU A 1320 19.59 -23.04 7.68
CA LEU A 1320 18.42 -23.37 8.47
C LEU A 1320 17.22 -23.78 7.61
N ILE A 1321 17.26 -23.49 6.31
CA ILE A 1321 16.16 -23.89 5.45
C ILE A 1321 16.00 -25.41 5.45
N ARG A 1322 17.07 -26.14 5.75
CA ARG A 1322 17.03 -27.60 5.65
C ARG A 1322 16.14 -28.20 6.72
N GLY A 1323 16.48 -28.00 7.98
CA GLY A 1323 15.69 -28.59 9.06
C GLY A 1323 14.26 -28.09 9.07
N ALA A 1324 14.06 -26.82 8.74
CA ALA A 1324 12.73 -26.26 8.67
C ALA A 1324 11.97 -26.83 7.49
N LYS A 1325 10.66 -27.03 7.65
CA LYS A 1325 9.84 -27.53 6.57
C LYS A 1325 8.91 -26.48 5.98
N GLY A 1326 8.24 -25.69 6.82
CA GLY A 1326 7.36 -24.66 6.30
C GLY A 1326 8.13 -23.61 5.52
N ILE A 1327 9.27 -23.18 6.07
CA ILE A 1327 10.12 -22.24 5.36
C ILE A 1327 10.53 -22.81 4.00
N ARG A 1328 10.89 -24.10 3.97
CA ARG A 1328 11.26 -24.73 2.72
C ARG A 1328 10.11 -24.74 1.73
N THR A 1329 8.91 -25.10 2.16
CA THR A 1329 7.77 -25.14 1.26
C THR A 1329 7.42 -23.77 0.70
N LEU A 1330 7.41 -22.74 1.53
CA LEU A 1330 7.03 -21.42 1.05
C LEU A 1330 8.11 -20.84 0.13
N LEU A 1331 9.39 -21.03 0.48
CA LEU A 1331 10.43 -20.55 -0.41
C LEU A 1331 10.44 -21.33 -1.73
N PHE A 1332 10.10 -22.62 -1.69
CA PHE A 1332 9.99 -23.39 -2.92
C PHE A 1332 8.85 -22.87 -3.79
N ALA A 1333 7.75 -22.49 -3.17
CA ALA A 1333 6.67 -21.86 -3.93
C ALA A 1333 7.15 -20.58 -4.61
N LEU A 1334 7.89 -19.74 -3.87
CA LEU A 1334 8.46 -18.55 -4.50
C LEU A 1334 9.35 -18.92 -5.68
N MET A 1335 10.16 -19.98 -5.52
CA MET A 1335 11.04 -20.39 -6.61
C MET A 1335 10.24 -20.79 -7.84
N MET A 1336 9.17 -21.56 -7.67
CA MET A 1336 8.36 -21.95 -8.82
C MET A 1336 7.67 -20.74 -9.43
N SER A 1337 7.41 -19.71 -8.64
CA SER A 1337 6.79 -18.51 -9.20
C SER A 1337 7.81 -17.55 -9.81
N LEU A 1338 9.10 -17.81 -9.63
CA LEU A 1338 10.10 -16.89 -10.15
C LEU A 1338 10.06 -16.67 -11.66
N PRO A 1339 9.74 -17.64 -12.53
CA PRO A 1339 9.68 -17.33 -13.97
C PRO A 1339 8.50 -16.45 -14.37
N ALA A 1340 7.32 -16.76 -13.84
CA ALA A 1340 6.16 -15.91 -14.08
C ALA A 1340 6.42 -14.48 -13.61
N LEU A 1341 6.94 -14.35 -12.39
CA LEU A 1341 7.33 -13.04 -11.90
C LEU A 1341 8.40 -12.41 -12.76
N PHE A 1342 9.27 -13.23 -13.36
CA PHE A 1342 10.28 -12.67 -14.24
C PHE A 1342 9.65 -12.00 -15.45
N ASN A 1343 8.71 -12.69 -16.09
CA ASN A 1343 8.05 -12.12 -17.25
C ASN A 1343 7.25 -10.87 -16.87
N ILE A 1344 6.54 -10.95 -15.74
CA ILE A 1344 5.75 -9.81 -15.27
C ILE A 1344 6.65 -8.61 -15.01
N GLY A 1345 7.77 -8.85 -14.32
CA GLY A 1345 8.70 -7.78 -14.03
C GLY A 1345 9.43 -7.29 -15.25
N LEU A 1346 9.51 -8.13 -16.29
CA LEU A 1346 10.07 -7.68 -17.56
C LEU A 1346 9.14 -6.67 -18.21
N LEU A 1347 7.84 -6.97 -18.21
CA LEU A 1347 6.86 -6.00 -18.69
C LEU A 1347 6.88 -4.75 -17.82
N LEU A 1348 7.00 -4.92 -16.51
CA LEU A 1348 7.00 -3.77 -15.62
C LEU A 1348 8.25 -2.91 -15.80
N PHE A 1349 9.39 -3.54 -16.10
CA PHE A 1349 10.60 -2.79 -16.38
C PHE A 1349 10.48 -2.06 -17.71
N LEU A 1350 9.89 -2.69 -18.72
CA LEU A 1350 9.64 -2.00 -19.97
C LEU A 1350 8.74 -0.79 -19.76
N VAL A 1351 7.73 -0.93 -18.89
CA VAL A 1351 6.81 0.17 -18.64
C VAL A 1351 7.51 1.28 -17.85
N MET A 1352 8.32 0.91 -16.86
CA MET A 1352 9.15 1.89 -16.18
C MET A 1352 10.04 2.62 -17.19
N PHE A 1353 10.50 1.90 -18.20
CA PHE A 1353 11.37 2.50 -19.21
C PHE A 1353 10.61 3.52 -20.05
N ILE A 1354 9.46 3.11 -20.61
CA ILE A 1354 8.65 4.01 -21.40
C ILE A 1354 8.33 5.27 -20.62
N TYR A 1355 7.81 5.08 -19.40
CA TYR A 1355 7.38 6.22 -18.60
C TYR A 1355 8.56 7.08 -18.18
N SER A 1356 9.71 6.47 -17.91
CA SER A 1356 10.87 7.24 -17.49
C SER A 1356 11.39 8.09 -18.63
N ILE A 1357 11.36 7.56 -19.86
CA ILE A 1357 11.78 8.38 -20.99
C ILE A 1357 10.77 9.49 -21.25
N PHE A 1358 9.49 9.18 -21.12
CA PHE A 1358 8.46 10.19 -21.30
C PHE A 1358 8.61 11.32 -20.29
N GLY A 1359 8.87 10.96 -19.04
CA GLY A 1359 9.07 11.97 -18.02
C GLY A 1359 10.39 12.70 -18.17
N MET A 1360 11.42 12.00 -18.65
CA MET A 1360 12.72 12.62 -18.85
C MET A 1360 12.62 13.70 -19.90
N ALA A 1361 11.85 13.45 -20.96
CA ALA A 1361 11.60 14.48 -21.95
C ALA A 1361 10.58 15.50 -21.49
N ASN A 1362 9.75 15.13 -20.51
CA ASN A 1362 8.60 15.93 -20.13
C ASN A 1362 8.75 16.57 -18.76
N PHE A 1363 9.02 15.78 -17.72
CA PHE A 1363 9.01 16.23 -16.34
C PHE A 1363 10.36 16.74 -15.86
N ALA A 1364 11.34 16.90 -16.76
CA ALA A 1364 12.59 17.47 -16.33
C ALA A 1364 12.41 18.97 -16.06
N TYR A 1365 13.39 19.55 -15.38
CA TYR A 1365 13.41 20.98 -15.10
C TYR A 1365 12.26 21.45 -14.20
N VAL A 1366 11.42 20.54 -13.70
CA VAL A 1366 10.36 20.96 -12.78
C VAL A 1366 10.98 21.43 -11.48
N LYS A 1367 10.27 22.29 -10.75
CA LYS A 1367 10.81 22.83 -9.52
C LYS A 1367 11.05 21.71 -8.52
N TRP A 1368 11.97 21.95 -7.59
CA TRP A 1368 12.34 20.94 -6.61
C TRP A 1368 11.47 21.08 -5.38
N GLU A 1369 10.46 20.22 -5.26
CA GLU A 1369 9.45 20.28 -4.22
C GLU A 1369 9.43 18.92 -3.53
N ALA A 1370 8.38 18.68 -2.74
CA ALA A 1370 8.33 17.59 -1.77
C ALA A 1370 8.97 16.29 -2.24
N GLY A 1371 8.50 15.74 -3.34
CA GLY A 1371 8.98 14.46 -3.78
C GLY A 1371 10.07 14.46 -4.82
N ILE A 1372 10.53 15.64 -5.23
CA ILE A 1372 11.57 15.73 -6.26
C ILE A 1372 12.72 16.58 -5.72
N ASP A 1373 13.71 15.92 -5.13
CA ASP A 1373 14.88 16.57 -4.57
C ASP A 1373 15.99 16.59 -5.62
N ASP A 1374 17.21 16.93 -5.24
CA ASP A 1374 18.31 16.92 -6.20
C ASP A 1374 18.68 15.51 -6.62
N MET A 1375 18.59 14.55 -5.72
CA MET A 1375 19.00 13.19 -6.03
C MET A 1375 17.88 12.39 -6.69
N PHE A 1376 16.63 12.64 -6.33
CA PHE A 1376 15.50 11.96 -6.93
C PHE A 1376 14.79 12.94 -7.86
N ASN A 1377 15.02 12.78 -9.15
CA ASN A 1377 14.63 13.75 -10.16
C ASN A 1377 14.13 12.98 -11.37
N PHE A 1378 13.78 13.72 -12.41
CA PHE A 1378 13.55 13.17 -13.73
C PHE A 1378 14.57 13.69 -14.73
N GLN A 1379 15.70 14.19 -14.24
CA GLN A 1379 16.70 14.80 -15.12
C GLN A 1379 17.47 13.75 -15.89
N THR A 1380 18.19 12.88 -15.19
CA THR A 1380 18.90 11.80 -15.86
C THR A 1380 17.98 10.61 -16.00
N PHE A 1381 18.52 9.49 -16.45
CA PHE A 1381 17.72 8.28 -16.58
C PHE A 1381 17.79 7.44 -15.31
N ALA A 1382 18.92 7.48 -14.62
CA ALA A 1382 19.01 6.81 -13.32
C ALA A 1382 17.98 7.38 -12.35
N ASN A 1383 17.92 8.69 -12.24
CA ASN A 1383 16.99 9.33 -11.32
C ASN A 1383 15.55 8.99 -11.68
N SER A 1384 15.22 9.03 -12.98
CA SER A 1384 13.85 8.73 -13.38
C SER A 1384 13.50 7.29 -13.08
N MET A 1385 14.39 6.36 -13.36
CA MET A 1385 14.07 4.98 -13.06
C MET A 1385 13.92 4.77 -11.55
N LEU A 1386 14.64 5.54 -10.74
CA LEU A 1386 14.48 5.42 -9.29
C LEU A 1386 13.13 5.94 -8.83
N CYS A 1387 12.78 7.16 -9.23
CA CYS A 1387 11.48 7.72 -8.86
C CYS A 1387 10.35 6.81 -9.32
N LEU A 1388 10.47 6.27 -10.53
CA LEU A 1388 9.45 5.36 -11.03
C LEU A 1388 9.46 4.05 -10.26
N PHE A 1389 10.61 3.68 -9.70
CA PHE A 1389 10.62 2.48 -8.88
C PHE A 1389 9.80 2.69 -7.62
N GLN A 1390 9.96 3.84 -6.96
CA GLN A 1390 9.18 4.06 -5.75
C GLN A 1390 7.70 4.24 -6.08
N ILE A 1391 7.39 4.83 -7.24
CA ILE A 1391 6.00 5.03 -7.64
C ILE A 1391 5.38 3.71 -8.13
N THR A 1392 6.20 2.70 -8.39
CA THR A 1392 5.63 1.38 -8.71
C THR A 1392 4.84 0.83 -7.54
N THR A 1393 5.26 1.11 -6.31
CA THR A 1393 4.56 0.65 -5.12
C THR A 1393 3.57 1.69 -4.61
N SER A 1394 3.10 2.56 -5.48
CA SER A 1394 2.11 3.58 -5.17
C SER A 1394 2.62 4.55 -4.11
N ALA A 1395 3.86 4.39 -3.67
CA ALA A 1395 4.36 5.21 -2.58
C ALA A 1395 4.80 6.56 -3.09
N GLY A 1396 4.70 7.56 -2.22
CA GLY A 1396 5.25 8.86 -2.51
C GLY A 1396 4.73 9.56 -3.75
N TRP A 1397 3.80 8.95 -4.49
CA TRP A 1397 3.38 9.55 -5.74
C TRP A 1397 2.65 10.86 -5.53
N ASP A 1398 2.09 11.10 -4.35
CA ASP A 1398 1.61 12.43 -4.02
C ASP A 1398 2.76 13.42 -4.04
N GLY A 1399 3.91 13.00 -3.52
CA GLY A 1399 5.06 13.88 -3.48
C GLY A 1399 5.64 14.20 -4.82
N LEU A 1400 5.48 13.31 -5.80
CA LEU A 1400 5.98 13.59 -7.13
C LEU A 1400 4.95 14.29 -8.00
N LEU A 1401 3.66 14.12 -7.69
CA LEU A 1401 2.66 14.88 -8.44
C LEU A 1401 2.61 16.31 -7.97
N SER A 1402 2.88 16.56 -6.69
CA SER A 1402 2.79 17.90 -6.13
C SER A 1402 3.62 18.96 -6.86
N PRO A 1403 4.82 18.65 -7.37
CA PRO A 1403 5.56 19.68 -8.12
C PRO A 1403 5.18 19.78 -9.58
N ILE A 1404 4.40 18.85 -10.11
CA ILE A 1404 3.93 18.98 -11.47
C ILE A 1404 2.68 19.83 -11.53
N LEU A 1405 1.77 19.66 -10.57
CA LEU A 1405 0.49 20.33 -10.62
C LEU A 1405 0.63 21.84 -10.55
N ASN A 1406 1.69 22.34 -9.94
CA ASN A 1406 1.78 23.80 -9.87
C ASN A 1406 2.09 24.46 -11.20
N THR A 1407 1.30 25.45 -11.54
CA THR A 1407 1.47 26.22 -12.75
C THR A 1407 1.38 27.65 -12.35
N GLY A 1408 2.39 28.46 -12.62
CA GLY A 1408 2.33 29.87 -12.28
C GLY A 1408 2.81 30.18 -10.88
N PRO A 1409 3.32 31.40 -10.71
CA PRO A 1409 3.85 31.84 -9.41
C PRO A 1409 2.76 32.12 -8.40
N PRO A 1410 2.97 31.97 -7.09
CA PRO A 1410 4.25 32.05 -6.38
C PRO A 1410 5.34 30.98 -6.51
N TYR A 1411 4.97 29.70 -6.38
CA TYR A 1411 5.96 28.62 -6.38
C TYR A 1411 6.82 28.44 -7.62
N CYS A 1412 6.20 28.46 -8.79
CA CYS A 1412 6.93 28.29 -10.03
C CYS A 1412 7.36 29.61 -10.61
N ASP A 1413 8.19 29.53 -11.62
CA ASP A 1413 8.66 30.72 -12.31
C ASP A 1413 8.46 30.48 -13.77
N PRO A 1414 7.23 30.65 -14.26
CA PRO A 1414 6.99 30.42 -15.67
C PRO A 1414 7.96 31.30 -16.41
N ASN A 1415 8.57 30.73 -17.45
CA ASN A 1415 9.61 31.32 -18.30
C ASN A 1415 10.87 31.59 -17.48
N LEU A 1416 11.79 30.64 -17.59
CA LEU A 1416 13.07 30.63 -16.88
C LEU A 1416 14.13 30.01 -17.78
N PRO A 1417 15.39 30.37 -17.57
CA PRO A 1417 16.45 29.77 -18.37
C PRO A 1417 16.49 28.28 -18.10
N ASN A 1418 16.66 27.48 -19.13
CA ASN A 1418 16.76 26.03 -19.00
C ASN A 1418 17.99 25.55 -19.81
N SER A 1419 18.52 24.37 -19.50
CA SER A 1419 19.67 23.88 -20.28
C SER A 1419 19.23 23.71 -21.71
N ASN A 1420 18.07 23.08 -21.86
CA ASN A 1420 17.40 22.92 -23.13
C ASN A 1420 16.69 24.26 -23.46
N GLY A 1421 16.41 24.53 -24.73
CA GLY A 1421 15.76 25.78 -25.07
C GLY A 1421 14.40 25.90 -24.40
N SER A 1422 13.70 24.79 -24.20
CA SER A 1422 12.37 24.89 -23.62
C SER A 1422 12.44 25.66 -22.32
N ARG A 1423 11.47 26.54 -22.13
CA ARG A 1423 11.41 27.43 -20.98
C ARG A 1423 10.41 27.06 -19.88
N GLY A 1424 10.69 27.58 -18.70
CA GLY A 1424 9.86 27.41 -17.52
C GLY A 1424 10.30 26.25 -16.67
N ASN A 1425 9.98 26.32 -15.38
CA ASN A 1425 10.32 25.25 -14.47
C ASN A 1425 9.08 24.67 -13.82
N CYS A 1426 7.94 24.83 -14.45
CA CYS A 1426 6.69 24.32 -13.89
C CYS A 1426 6.10 23.23 -14.75
N GLY A 1427 5.66 22.18 -14.13
CA GLY A 1427 5.08 21.05 -14.82
C GLY A 1427 3.71 21.29 -15.40
N SER A 1428 3.29 20.43 -16.30
CA SER A 1428 1.99 20.54 -16.92
C SER A 1428 1.01 19.72 -16.14
N PRO A 1429 0.00 20.37 -15.59
CA PRO A 1429 -0.98 19.69 -14.78
C PRO A 1429 -1.70 18.61 -15.54
N ALA A 1430 -2.07 18.91 -16.77
CA ALA A 1430 -2.85 18.01 -17.60
C ALA A 1430 -2.10 16.73 -17.90
N VAL A 1431 -0.84 16.85 -18.29
CA VAL A 1431 -0.06 15.66 -18.63
C VAL A 1431 0.47 15.00 -17.39
N GLY A 1432 0.72 15.77 -16.33
CA GLY A 1432 1.21 15.16 -15.10
C GLY A 1432 0.19 14.22 -14.47
N ILE A 1433 -1.06 14.67 -14.40
CA ILE A 1433 -2.11 13.83 -13.82
C ILE A 1433 -2.30 12.59 -14.66
N LEU A 1434 -2.25 12.74 -15.98
CA LEU A 1434 -2.37 11.59 -16.88
C LEU A 1434 -1.24 10.60 -16.62
N PHE A 1435 0.00 11.10 -16.62
CA PHE A 1435 1.16 10.26 -16.35
C PHE A 1435 0.99 9.48 -15.06
N PHE A 1436 0.80 10.19 -13.94
CA PHE A 1436 0.85 9.52 -12.64
C PHE A 1436 -0.36 8.63 -12.43
N THR A 1437 -1.56 9.08 -12.79
CA THR A 1437 -2.74 8.26 -12.60
C THR A 1437 -2.68 7.01 -13.45
N THR A 1438 -2.28 7.15 -14.73
CA THR A 1438 -2.18 5.97 -15.58
C THR A 1438 -1.09 5.02 -15.10
N TYR A 1439 0.02 5.56 -14.58
CA TYR A 1439 1.08 4.69 -14.11
C TYR A 1439 0.64 3.94 -12.86
N ILE A 1440 -0.09 4.60 -11.98
CA ILE A 1440 -0.59 3.91 -10.79
C ILE A 1440 -1.55 2.80 -11.19
N ILE A 1441 -2.45 3.08 -12.14
CA ILE A 1441 -3.40 2.06 -12.54
C ILE A 1441 -2.67 0.87 -13.17
N ILE A 1442 -1.72 1.15 -14.07
CA ILE A 1442 -1.00 0.07 -14.74
C ILE A 1442 -0.19 -0.74 -13.74
N SER A 1443 0.59 -0.06 -12.89
CA SER A 1443 1.41 -0.77 -11.92
C SER A 1443 0.56 -1.55 -10.93
N PHE A 1444 -0.58 -0.98 -10.52
CA PHE A 1444 -1.48 -1.70 -9.63
C PHE A 1444 -2.01 -2.95 -10.30
N LEU A 1445 -2.28 -2.88 -11.59
CA LEU A 1445 -2.82 -4.06 -12.26
C LEU A 1445 -1.73 -5.11 -12.46
N ILE A 1446 -0.49 -4.68 -12.66
CA ILE A 1446 0.60 -5.64 -12.82
C ILE A 1446 0.99 -6.26 -11.48
N VAL A 1447 0.87 -5.50 -10.38
CA VAL A 1447 1.12 -6.13 -9.09
C VAL A 1447 -0.10 -6.94 -8.65
N VAL A 1448 -1.26 -6.73 -9.27
CA VAL A 1448 -2.34 -7.70 -9.14
C VAL A 1448 -2.00 -8.99 -9.89
N ASN A 1449 -1.35 -8.85 -11.04
CA ASN A 1449 -0.77 -10.02 -11.69
C ASN A 1449 0.20 -10.74 -10.75
N MET A 1450 1.03 -9.99 -10.04
CA MET A 1450 1.93 -10.60 -9.06
C MET A 1450 1.15 -11.33 -7.98
N TYR A 1451 0.16 -10.68 -7.41
CA TYR A 1451 -0.60 -11.31 -6.36
C TYR A 1451 -1.20 -12.59 -6.91
N ILE A 1452 -1.72 -12.54 -8.12
CA ILE A 1452 -2.33 -13.73 -8.69
C ILE A 1452 -1.37 -14.89 -8.92
N ALA A 1453 -0.18 -14.61 -9.45
CA ALA A 1453 0.79 -15.67 -9.67
C ALA A 1453 1.18 -16.27 -8.35
N ILE A 1454 1.42 -15.42 -7.36
CA ILE A 1454 1.82 -15.90 -6.05
C ILE A 1454 0.74 -16.79 -5.46
N ILE A 1455 -0.52 -16.37 -5.53
CA ILE A 1455 -1.54 -17.22 -4.92
C ILE A 1455 -1.69 -18.55 -5.64
N LEU A 1456 -1.63 -18.52 -6.96
CA LEU A 1456 -1.78 -19.78 -7.68
C LEU A 1456 -0.64 -20.70 -7.31
N GLU A 1457 0.58 -20.18 -7.27
CA GLU A 1457 1.70 -21.02 -6.96
C GLU A 1457 1.60 -21.60 -5.58
N ASN A 1458 1.19 -20.78 -4.61
CA ASN A 1458 1.13 -21.28 -3.26
C ASN A 1458 0.15 -22.39 -3.16
N PHE A 1459 -1.05 -22.20 -3.71
CA PHE A 1459 -2.02 -23.27 -3.56
C PHE A 1459 -1.58 -24.52 -4.28
N SER A 1460 -1.04 -24.33 -5.48
CA SER A 1460 -0.64 -25.45 -6.29
C SER A 1460 0.42 -26.28 -5.60
N VAL A 1461 1.39 -25.64 -4.96
CA VAL A 1461 2.44 -26.41 -4.33
C VAL A 1461 2.32 -26.70 -2.84
N ALA A 1462 1.21 -26.30 -2.23
CA ALA A 1462 1.04 -26.58 -0.81
C ALA A 1462 -0.43 -26.61 -0.41
#